data_9OI8
#
_entry.id   9OI8
#
_cell.length_a   1.00
_cell.length_b   1.00
_cell.length_c   1.00
_cell.angle_alpha   90.00
_cell.angle_beta   90.00
_cell.angle_gamma   90.00
#
_symmetry.space_group_name_H-M   'P 1'
#
loop_
_entity.id
_entity.type
_entity.pdbx_description
1 polymer 'DELLA protein RGA'
2 polymer 'Gibberellin receptor GID1A'
3 polymer 'F-box protein GID2'
4 polymer 'SKP1-like protein 1A'
5 non-polymer 'GIBBERELLIN A3'
#
loop_
_entity_poly.entity_id
_entity_poly.type
_entity_poly.pdbx_seq_one_letter_code
_entity_poly.pdbx_strand_id
1 'polypeptide(L)'
;MKRDHHQFQGRLSNHGTSSSSSSISKDKMMMVKKEEDGGGNMDDELLAVLGYKVRSSEMAEVALKLEQLETMMSNVQEDG
LSHLATDTVHYNPSELYSWLDNMLSELNPPPLPASSNGLDPVLPSPEICGFPASDYDLKVIPGNAIYQFPAIDSSSSSNN
QNQQLQSCSSPDSMVTSTSTGTQIGGVIGTTVTTTTTTTTAAGESTRSVILVDSQENGVRLVHALMACAEAIQQNNLTLA
EALVKQIGCLAVSQAGAMRKVATYFAEALARRIYRLSPPQNQIDHCLSDTLQMHFYETCPYLKFAHFTANQAILEAFEGK
KRVHVIDFSMNQGLQWPALMQALALREGGPPTFRLTGIGPPAPDNSDHLHEVGCKLAQLAEAIHVEFEYRGFVANSLADL
DASMLELRPSDTEAVAVNSVFELHKLLGRPGGIEKVLGVVKQIKPVIFTVVEQESNHNGPVFLDRFTESLHYYSTLFDSL
EGVPNSQDKVMSEVYLGKQICNLVACEGPDRVERHETLSQWGNRFGSSGLAPAHLGSNAFKQASMLLSVFNSGQGYRVEE
SNGCLMLGWHTRPLITTSAWKLSTAAYGGWSHPQFER
;
A
2 'polypeptide(L)'
;MAASDEVNLIESRTVVPLNTWVLISNFKVAYNILRRPDGTFNRHLAEYLDRKVTANANPVDGVFSFDVLIDRRINLLSRV
YRPAYADQEQPPSILDLEKPVDGDIVPVILFFHGGSFAHSSANSAIYDTLCRRLVGLCKCVVVSVNYRRAPENPYPCAYD
DGWIALNWVNSRSWLKSKKDSKVHIFLAGDSSGGNIAHNVALRAGESGIDVLGNILLNPMFGGNERTESEKSLDGKYFVT
VRDRDWYWKAFLPEGEDREHPACNPFSPRGKSLEGVSFPKSLVVVAGLDLIRDWQLAYAEGLKKAGQEVKLMHLEKATVG
FYLLPNNNHFHNVMDEISAFVNAECGGDYKDDDDK
;
B
3 'polypeptide(L)'
;HHHHHHHHHHENLYFQSHMKRSTTDSDLAGDAHNETNKKMKSTEEEEIGFSNLDENLVYEVLKHVDAKTLAMSSCVSKIW
HKTAQDERLWELICTRHWTNIGCGQNQLRSVVLALGGFRRLHSLYLWPLSKPNPRARFGKDELKLTLSLLSIRYYKKMSF
TKRPLPESKGGWSHPQFER
;
C
4 'polypeptide(L)'
;HHHHHHHHHHENLYFQSHMSAKKIVLKSSDGESFEVEEAVALESQTIAHMVEDDCVDNGVPLPNVTSKILAKVIEYCKRH
VEAAASKAEAVEGAATSDDDLKAWDADFMKIDQATLFELILAANYLNIKNLLDLTCQTVADMIKGKTPEEIRTTFNIKND
FTPEEEEEVRRENQWAFEGGYKDDDDK
;
D
#
# COMPACT_ATOMS: atom_id res chain seq x y z
N MET A 42 -32.47 -9.65 -13.17
CA MET A 42 -31.08 -9.47 -13.55
C MET A 42 -30.39 -8.45 -12.66
N ASP A 43 -29.24 -7.96 -13.11
CA ASP A 43 -28.46 -6.98 -12.36
C ASP A 43 -28.85 -5.56 -12.75
N ASP A 44 -28.97 -4.70 -11.74
CA ASP A 44 -29.30 -3.30 -11.97
C ASP A 44 -28.28 -2.66 -12.91
N GLU A 45 -28.77 -2.05 -13.99
CA GLU A 45 -27.89 -1.40 -14.96
C GLU A 45 -27.06 -0.30 -14.32
N LEU A 46 -27.73 0.64 -13.64
CA LEU A 46 -27.05 1.75 -12.99
C LEU A 46 -25.95 1.27 -12.06
N LEU A 47 -26.31 0.48 -11.05
CA LEU A 47 -25.30 -0.05 -10.14
C LEU A 47 -24.20 -0.80 -10.88
N ALA A 48 -24.56 -1.59 -11.88
CA ALA A 48 -23.56 -2.36 -12.63
C ALA A 48 -22.51 -1.45 -13.27
N VAL A 49 -22.94 -0.39 -13.94
CA VAL A 49 -21.95 0.49 -14.55
C VAL A 49 -21.22 1.27 -13.46
N LEU A 50 -21.89 1.48 -12.31
CA LEU A 50 -21.26 2.16 -11.19
C LEU A 50 -20.10 1.34 -10.64
N GLY A 51 -20.30 0.04 -10.46
CA GLY A 51 -19.25 -0.81 -9.95
C GLY A 51 -19.68 -1.75 -8.83
N TYR A 52 -20.94 -2.19 -8.84
CA TYR A 52 -21.45 -3.04 -7.77
C TYR A 52 -22.42 -4.05 -8.34
N LYS A 53 -22.44 -5.24 -7.73
CA LYS A 53 -23.26 -6.37 -8.14
C LYS A 53 -24.38 -6.56 -7.13
N VAL A 54 -25.57 -6.04 -7.46
CA VAL A 54 -26.74 -6.16 -6.60
C VAL A 54 -27.92 -6.59 -7.47
N ARG A 55 -28.58 -7.67 -7.08
CA ARG A 55 -29.76 -8.14 -7.80
C ARG A 55 -30.91 -7.17 -7.62
N SER A 56 -31.78 -7.10 -8.64
CA SER A 56 -32.94 -6.21 -8.55
C SER A 56 -34.00 -6.71 -7.59
N SER A 57 -34.00 -7.99 -7.25
CA SER A 57 -34.98 -8.51 -6.30
C SER A 57 -34.49 -8.45 -4.85
N GLU A 58 -33.24 -8.05 -4.62
CA GLU A 58 -32.69 -8.00 -3.27
C GLU A 58 -32.30 -6.59 -2.83
N MET A 59 -32.73 -5.56 -3.57
CA MET A 59 -32.40 -4.19 -3.18
C MET A 59 -32.93 -3.87 -1.79
N ALA A 60 -34.23 -4.09 -1.57
CA ALA A 60 -34.82 -3.82 -0.26
C ALA A 60 -34.08 -4.57 0.85
N GLU A 61 -33.79 -5.85 0.63
CA GLU A 61 -33.05 -6.63 1.61
C GLU A 61 -31.70 -5.98 1.94
N VAL A 62 -30.95 -5.60 0.91
CA VAL A 62 -29.65 -4.96 1.12
C VAL A 62 -29.82 -3.67 1.94
N ALA A 63 -30.81 -2.86 1.58
CA ALA A 63 -31.08 -1.63 2.34
C ALA A 63 -31.33 -1.94 3.81
N LEU A 64 -32.22 -2.91 4.08
CA LEU A 64 -32.53 -3.29 5.46
C LEU A 64 -31.28 -3.74 6.21
N LYS A 65 -30.47 -4.59 5.58
CA LYS A 65 -29.21 -5.01 6.18
C LYS A 65 -28.31 -3.82 6.49
N LEU A 66 -28.22 -2.87 5.56
CA LEU A 66 -27.40 -1.69 5.78
C LEU A 66 -27.90 -0.91 7.00
N GLU A 67 -29.22 -0.76 7.11
CA GLU A 67 -29.78 -0.04 8.26
C GLU A 67 -29.45 -0.74 9.56
N GLN A 68 -29.60 -2.07 9.60
CA GLN A 68 -29.30 -2.81 10.82
C GLN A 68 -27.82 -2.68 11.17
N LEU A 69 -26.95 -2.84 10.17
CA LEU A 69 -25.53 -2.73 10.39
C LEU A 69 -25.18 -1.35 10.94
N GLU A 70 -25.81 -0.31 10.40
CA GLU A 70 -25.55 1.05 10.87
C GLU A 70 -25.93 1.21 12.34
N THR A 71 -27.17 0.84 12.69
CA THR A 71 -27.59 0.96 14.08
C THR A 71 -26.66 0.18 15.00
N MET A 72 -26.31 -1.05 14.62
CA MET A 72 -25.41 -1.86 15.44
C MET A 72 -24.04 -1.20 15.60
N MET A 73 -23.52 -0.61 14.53
CA MET A 73 -22.22 0.06 14.62
C MET A 73 -22.30 1.29 15.52
N SER A 74 -23.44 1.98 15.49
CA SER A 74 -23.60 3.17 16.32
C SER A 74 -23.72 2.77 17.79
N ASN A 75 -24.32 1.61 18.06
CA ASN A 75 -24.47 1.14 19.43
C ASN A 75 -23.11 0.84 20.06
N VAL A 76 -22.26 0.14 19.32
CA VAL A 76 -20.93 -0.20 19.83
C VAL A 76 -20.01 1.01 19.78
N GLN A 77 -18.92 0.93 20.53
CA GLN A 77 -17.93 2.01 20.62
C GLN A 77 -16.80 1.79 19.63
N GLU A 78 -15.76 2.62 19.77
CA GLU A 78 -14.57 2.58 18.91
C GLU A 78 -14.01 1.17 18.77
N ASP A 79 -14.08 0.36 19.83
CA ASP A 79 -13.55 -1.01 19.76
C ASP A 79 -14.14 -1.79 18.58
N GLY A 80 -15.45 -1.69 18.39
CA GLY A 80 -16.09 -2.37 17.25
C GLY A 80 -15.42 -2.00 15.93
N LEU A 81 -15.15 -0.71 15.75
CA LEU A 81 -14.55 -0.25 14.51
C LEU A 81 -13.11 -0.72 14.40
N SER A 82 -12.33 -0.64 15.49
CA SER A 82 -10.97 -1.13 15.41
C SER A 82 -10.96 -2.61 15.02
N HIS A 83 -11.93 -3.36 15.58
CA HIS A 83 -12.07 -4.78 15.28
C HIS A 83 -12.29 -5.00 13.79
N LEU A 84 -13.18 -4.21 13.19
CA LEU A 84 -13.41 -4.41 11.75
C LEU A 84 -12.31 -3.79 10.91
N ALA A 85 -11.53 -2.86 11.46
CA ALA A 85 -10.42 -2.28 10.73
C ALA A 85 -9.26 -3.26 10.56
N THR A 86 -8.81 -3.86 11.67
CA THR A 86 -7.64 -4.73 11.62
C THR A 86 -7.90 -6.22 11.76
N ASP A 87 -8.90 -6.64 12.53
CA ASP A 87 -9.06 -8.07 12.79
C ASP A 87 -9.76 -8.79 11.65
N THR A 88 -10.98 -8.38 11.30
CA THR A 88 -11.75 -9.11 10.31
C THR A 88 -11.14 -8.95 8.92
N VAL A 89 -11.66 -9.74 7.99
CA VAL A 89 -11.25 -9.69 6.59
C VAL A 89 -12.51 -9.69 5.71
N HIS A 90 -12.36 -9.18 4.49
CA HIS A 90 -13.47 -9.07 3.56
C HIS A 90 -13.10 -9.73 2.24
N TYR A 91 -14.05 -10.45 1.65
CA TYR A 91 -13.87 -11.13 0.38
C TYR A 91 -14.96 -10.71 -0.59
N ASN A 92 -14.54 -10.27 -1.79
CA ASN A 92 -15.43 -9.84 -2.86
C ASN A 92 -16.36 -8.72 -2.42
N PRO A 93 -15.88 -7.47 -2.38
CA PRO A 93 -16.75 -6.39 -1.91
C PRO A 93 -17.84 -6.01 -2.89
N SER A 94 -17.67 -6.27 -4.20
CA SER A 94 -18.72 -5.96 -5.16
C SER A 94 -20.04 -6.62 -4.80
N GLU A 95 -20.00 -7.85 -4.30
CA GLU A 95 -21.21 -8.51 -3.82
C GLU A 95 -21.62 -7.86 -2.50
N LEU A 96 -22.54 -6.90 -2.56
CA LEU A 96 -22.97 -6.18 -1.37
C LEU A 96 -23.70 -7.10 -0.40
N TYR A 97 -24.55 -7.99 -0.92
CA TYR A 97 -25.34 -8.89 -0.09
C TYR A 97 -24.45 -9.72 0.83
N SER A 98 -23.61 -10.58 0.23
CA SER A 98 -22.70 -11.44 0.99
C SER A 98 -21.82 -10.64 1.95
N TRP A 99 -21.20 -9.57 1.44
CA TRP A 99 -20.33 -8.74 2.27
C TRP A 99 -21.05 -8.24 3.52
N LEU A 100 -22.23 -7.65 3.32
CA LEU A 100 -23.04 -7.17 4.45
C LEU A 100 -23.39 -8.29 5.41
N ASP A 101 -23.82 -9.44 4.87
CA ASP A 101 -24.14 -10.60 5.72
C ASP A 101 -22.95 -10.98 6.60
N ASN A 102 -21.78 -11.12 5.98
CA ASN A 102 -20.57 -11.44 6.72
C ASN A 102 -20.31 -10.42 7.83
N MET A 103 -20.37 -9.14 7.48
CA MET A 103 -20.17 -8.07 8.46
C MET A 103 -21.13 -8.21 9.65
N LEU A 104 -22.41 -8.39 9.35
CA LEU A 104 -23.41 -8.56 10.40
C LEU A 104 -23.09 -9.74 11.31
N SER A 105 -22.85 -10.91 10.72
CA SER A 105 -22.56 -12.10 11.51
C SER A 105 -21.33 -11.91 12.39
N GLU A 106 -20.27 -11.32 11.83
CA GLU A 106 -19.04 -11.13 12.61
C GLU A 106 -19.24 -10.13 13.75
N LEU A 107 -19.84 -8.97 13.45
CA LEU A 107 -20.06 -7.95 14.49
C LEU A 107 -20.88 -8.50 15.65
N ASN A 108 -21.86 -9.34 15.38
CA ASN A 108 -22.72 -9.91 16.41
C ASN A 108 -22.73 -11.43 16.26
N PRO A 109 -21.76 -12.12 16.86
CA PRO A 109 -21.66 -13.58 16.78
C PRO A 109 -22.67 -14.29 17.69
N SER A 205 -12.47 -5.23 -26.78
CA SER A 205 -11.69 -5.47 -25.57
C SER A 205 -11.48 -4.18 -24.78
N THR A 206 -10.40 -4.14 -24.01
CA THR A 206 -10.04 -2.96 -23.19
C THR A 206 -8.52 -2.80 -23.25
N ARG A 207 -8.05 -2.01 -24.21
CA ARG A 207 -6.62 -1.79 -24.40
C ARG A 207 -6.20 -0.49 -23.71
N SER A 208 -5.38 -0.62 -22.68
CA SER A 208 -4.85 0.50 -21.92
C SER A 208 -3.61 1.09 -22.56
N VAL A 209 -3.55 2.42 -22.63
CA VAL A 209 -2.43 3.14 -23.23
C VAL A 209 -2.03 4.27 -22.27
N ILE A 210 -0.75 4.35 -21.94
CA ILE A 210 -0.24 5.38 -21.04
C ILE A 210 0.86 6.16 -21.78
N LEU A 211 0.49 7.30 -22.35
CA LEU A 211 1.45 8.12 -23.08
C LEU A 211 2.45 8.72 -22.09
N VAL A 212 3.74 8.48 -22.32
CA VAL A 212 4.77 9.02 -21.43
C VAL A 212 5.13 10.41 -21.94
N ASP A 213 5.90 11.17 -21.15
CA ASP A 213 6.31 12.52 -21.53
C ASP A 213 7.59 12.54 -22.36
N SER A 214 8.49 11.59 -22.13
CA SER A 214 9.76 11.49 -22.85
C SER A 214 9.52 11.03 -24.28
N GLN A 215 9.19 12.00 -25.14
CA GLN A 215 8.92 11.68 -26.55
C GLN A 215 9.06 12.96 -27.37
N GLU A 216 10.13 13.02 -28.17
CA GLU A 216 10.41 14.15 -29.04
C GLU A 216 10.52 13.74 -30.50
N ASN A 217 11.00 12.53 -30.78
CA ASN A 217 11.03 11.94 -32.11
C ASN A 217 10.52 10.51 -32.05
N GLY A 218 9.67 10.22 -31.07
CA GLY A 218 9.15 8.88 -30.87
C GLY A 218 8.18 8.45 -31.97
N VAL A 219 7.48 9.42 -32.56
CA VAL A 219 6.53 9.07 -33.61
C VAL A 219 7.26 8.51 -34.83
N ARG A 220 8.45 9.04 -35.14
CA ARG A 220 9.18 8.53 -36.28
C ARG A 220 9.57 7.06 -36.07
N LEU A 221 9.91 6.72 -34.82
CA LEU A 221 10.31 5.36 -34.49
C LEU A 221 9.11 4.41 -34.53
N VAL A 222 8.03 4.78 -33.83
CA VAL A 222 6.84 3.93 -33.85
C VAL A 222 6.34 3.75 -35.28
N HIS A 223 6.29 4.84 -36.05
CA HIS A 223 5.86 4.77 -37.44
C HIS A 223 6.71 3.79 -38.22
N ALA A 224 8.04 3.91 -38.11
CA ALA A 224 8.94 3.00 -38.81
C ALA A 224 8.68 1.55 -38.41
N LEU A 225 8.52 1.30 -37.11
CA LEU A 225 8.25 -0.06 -36.64
C LEU A 225 6.97 -0.62 -37.26
N MET A 226 5.91 0.18 -37.26
CA MET A 226 4.65 -0.23 -37.89
C MET A 226 4.85 -0.51 -39.37
N ALA A 227 5.60 0.35 -40.05
CA ALA A 227 5.87 0.14 -41.47
C ALA A 227 6.58 -1.20 -41.68
N CYS A 228 7.55 -1.52 -40.81
CA CYS A 228 8.24 -2.80 -40.92
C CYS A 228 7.28 -3.96 -40.77
N ALA A 229 6.40 -3.88 -39.76
CA ALA A 229 5.41 -4.93 -39.57
C ALA A 229 4.50 -5.08 -40.79
N GLU A 230 4.04 -3.95 -41.32
CA GLU A 230 3.18 -3.99 -42.50
C GLU A 230 3.90 -4.60 -43.71
N ALA A 231 5.16 -4.22 -43.93
CA ALA A 231 5.91 -4.78 -45.04
C ALA A 231 6.15 -6.27 -44.86
N ILE A 232 6.37 -6.71 -43.62
CA ILE A 232 6.53 -8.13 -43.35
C ILE A 232 5.24 -8.88 -43.62
N GLN A 233 4.09 -8.25 -43.35
CA GLN A 233 2.81 -8.91 -43.57
C GLN A 233 2.35 -8.82 -45.02
N GLN A 234 3.00 -8.01 -45.85
CA GLN A 234 2.63 -7.86 -47.26
C GLN A 234 3.51 -8.64 -48.22
N ASN A 235 4.53 -9.36 -47.72
CA ASN A 235 5.45 -10.26 -48.43
C ASN A 235 6.72 -9.58 -48.94
N ASN A 236 6.93 -8.30 -48.69
CA ASN A 236 8.00 -7.54 -49.36
C ASN A 236 9.22 -7.58 -48.45
N LEU A 237 10.34 -8.09 -48.97
CA LEU A 237 11.55 -8.24 -48.18
C LEU A 237 12.45 -7.00 -48.27
N THR A 238 12.73 -6.52 -49.49
CA THR A 238 13.59 -5.35 -49.65
C THR A 238 13.09 -4.18 -48.81
N LEU A 239 11.78 -3.91 -48.89
CA LEU A 239 11.19 -2.82 -48.13
C LEU A 239 11.49 -2.98 -46.65
N ALA A 240 11.21 -4.17 -46.11
CA ALA A 240 11.46 -4.45 -44.70
C ALA A 240 12.92 -4.24 -44.33
N GLU A 241 13.85 -4.76 -45.14
CA GLU A 241 15.28 -4.57 -44.85
C GLU A 241 15.63 -3.09 -44.75
N ALA A 242 15.24 -2.32 -45.77
CA ALA A 242 15.54 -0.88 -45.75
C ALA A 242 14.95 -0.24 -44.51
N LEU A 243 13.68 -0.57 -44.21
CA LEU A 243 12.98 -0.05 -43.05
C LEU A 243 13.76 -0.33 -41.77
N VAL A 244 14.21 -1.58 -41.59
CA VAL A 244 14.98 -1.96 -40.41
C VAL A 244 16.23 -1.08 -40.30
N LYS A 245 16.94 -0.94 -41.41
CA LYS A 245 18.14 -0.09 -41.41
C LYS A 245 17.79 1.32 -40.93
N GLN A 246 16.71 1.87 -41.48
CA GLN A 246 16.26 3.21 -41.11
C GLN A 246 15.93 3.26 -39.62
N ILE A 247 15.26 2.22 -39.11
CA ILE A 247 14.91 2.19 -37.69
C ILE A 247 16.16 2.27 -36.85
N GLY A 248 17.18 1.49 -37.19
CA GLY A 248 18.42 1.55 -36.43
C GLY A 248 19.05 2.94 -36.48
N CYS A 249 19.01 3.56 -37.66
CA CYS A 249 19.60 4.89 -37.81
C CYS A 249 18.85 5.92 -36.97
N LEU A 250 17.52 5.81 -36.89
CA LEU A 250 16.77 6.77 -36.10
C LEU A 250 16.76 6.39 -34.62
N ALA A 251 17.11 5.15 -34.30
CA ALA A 251 17.16 4.66 -32.94
C ALA A 251 18.52 4.87 -32.31
N VAL A 252 19.49 5.36 -33.09
CA VAL A 252 20.81 5.59 -32.53
C VAL A 252 20.88 6.93 -31.79
N SER A 253 19.91 7.81 -31.99
CA SER A 253 19.87 9.11 -31.32
C SER A 253 18.81 9.19 -30.24
N GLN A 254 17.95 8.18 -30.12
CA GLN A 254 16.90 8.15 -29.12
C GLN A 254 17.47 7.77 -27.76
N ALA A 255 16.88 8.31 -26.70
CA ALA A 255 17.32 8.05 -25.34
C ALA A 255 16.17 7.56 -24.48
N GLY A 256 16.50 7.02 -23.32
CA GLY A 256 15.49 6.50 -22.41
C GLY A 256 15.20 5.04 -22.67
N ALA A 257 13.94 4.64 -22.53
CA ALA A 257 13.55 3.25 -22.76
C ALA A 257 13.31 2.96 -24.22
N MET A 258 12.91 3.99 -24.97
CA MET A 258 12.65 3.85 -26.40
C MET A 258 13.85 3.25 -27.11
N ARG A 259 15.07 3.63 -26.73
CA ARG A 259 16.26 3.08 -27.37
C ARG A 259 16.35 1.57 -27.21
N LYS A 260 16.12 1.07 -25.99
CA LYS A 260 16.21 -0.37 -25.78
C LYS A 260 15.07 -1.12 -26.45
N VAL A 261 13.84 -0.62 -26.32
CA VAL A 261 12.73 -1.32 -26.96
C VAL A 261 12.90 -1.33 -28.47
N ALA A 262 13.29 -0.20 -29.07
CA ALA A 262 13.46 -0.15 -30.51
C ALA A 262 14.61 -1.03 -30.98
N THR A 263 15.72 -1.07 -30.23
CA THR A 263 16.85 -1.90 -30.63
C THR A 263 16.49 -3.38 -30.59
N TYR A 264 15.87 -3.82 -29.49
CA TYR A 264 15.49 -5.23 -29.40
C TYR A 264 14.45 -5.59 -30.45
N PHE A 265 13.50 -4.68 -30.71
CA PHE A 265 12.50 -4.97 -31.73
C PHE A 265 13.13 -5.04 -33.11
N ALA A 266 14.05 -4.12 -33.42
CA ALA A 266 14.73 -4.15 -34.71
C ALA A 266 15.49 -5.45 -34.88
N GLU A 267 16.17 -5.92 -33.82
CA GLU A 267 16.83 -7.21 -33.90
C GLU A 267 15.82 -8.34 -34.15
N ALA A 268 14.66 -8.27 -33.49
CA ALA A 268 13.64 -9.28 -33.70
C ALA A 268 13.14 -9.30 -35.15
N LEU A 269 12.92 -8.13 -35.73
CA LEU A 269 12.50 -8.09 -37.13
C LEU A 269 13.62 -8.53 -38.08
N ALA A 270 14.88 -8.26 -37.73
CA ALA A 270 15.98 -8.80 -38.54
C ALA A 270 15.97 -10.32 -38.52
N ARG A 271 15.77 -10.92 -37.34
CA ARG A 271 15.65 -12.37 -37.27
C ARG A 271 14.46 -12.87 -38.06
N ARG A 272 13.35 -12.15 -38.02
CA ARG A 272 12.16 -12.53 -38.78
C ARG A 272 12.44 -12.51 -40.28
N ILE A 273 13.14 -11.47 -40.75
CA ILE A 273 13.47 -11.35 -42.17
C ILE A 273 14.48 -12.40 -42.58
N TYR A 274 15.31 -12.88 -41.64
CA TYR A 274 16.31 -13.89 -41.98
C TYR A 274 15.70 -15.27 -42.17
N ARG A 275 14.59 -15.57 -41.48
CA ARG A 275 13.95 -16.87 -41.57
C ARG A 275 12.72 -16.86 -42.48
N LEU A 276 12.58 -15.85 -43.33
CA LEU A 276 11.45 -15.77 -44.24
C LEU A 276 11.90 -15.84 -45.70
N THR A 290 20.62 -17.54 -14.34
CA THR A 290 21.18 -16.27 -13.88
C THR A 290 20.29 -15.10 -14.28
N LEU A 291 19.76 -15.14 -15.51
CA LEU A 291 18.89 -14.07 -15.98
C LEU A 291 17.66 -13.94 -15.10
N GLN A 292 17.05 -15.07 -14.80
CA GLN A 292 15.88 -15.11 -13.93
C GLN A 292 16.18 -14.62 -12.51
N MET A 293 17.31 -15.06 -11.94
CA MET A 293 17.68 -14.60 -10.61
C MET A 293 17.85 -13.08 -10.58
N HIS A 294 18.55 -12.54 -11.57
CA HIS A 294 18.72 -11.08 -11.65
C HIS A 294 17.36 -10.40 -11.77
N PHE A 295 16.48 -10.94 -12.61
CA PHE A 295 15.16 -10.36 -12.78
C PHE A 295 14.38 -10.38 -11.48
N TYR A 296 14.47 -11.47 -10.71
CA TYR A 296 13.77 -11.57 -9.44
C TYR A 296 14.35 -10.59 -8.43
N GLU A 297 15.64 -10.29 -8.53
CA GLU A 297 16.25 -9.36 -7.59
C GLU A 297 16.17 -7.91 -8.06
N THR A 298 15.65 -7.66 -9.26
CA THR A 298 15.50 -6.32 -9.78
C THR A 298 14.05 -5.91 -10.03
N CYS A 299 13.11 -6.85 -10.02
CA CYS A 299 11.70 -6.58 -10.25
C CYS A 299 10.86 -7.20 -9.14
N PRO A 300 9.73 -6.59 -8.80
CA PRO A 300 8.80 -7.19 -7.83
C PRO A 300 7.84 -8.23 -8.38
N TYR A 301 7.90 -8.56 -9.67
CA TYR A 301 6.85 -9.38 -10.27
C TYR A 301 6.79 -10.76 -9.62
N LEU A 302 7.92 -11.45 -9.59
CA LEU A 302 7.96 -12.78 -9.00
C LEU A 302 7.76 -12.75 -7.49
N LYS A 303 8.31 -11.76 -6.81
CA LYS A 303 8.16 -11.69 -5.36
C LYS A 303 6.69 -11.50 -4.97
N PHE A 304 6.01 -10.57 -5.64
CA PHE A 304 4.60 -10.35 -5.39
C PHE A 304 3.77 -11.57 -5.74
N ALA A 305 4.07 -12.21 -6.87
CA ALA A 305 3.34 -13.41 -7.26
C ALA A 305 3.50 -14.51 -6.21
N HIS A 306 4.74 -14.74 -5.78
CA HIS A 306 5.04 -15.81 -4.84
C HIS A 306 4.36 -15.57 -3.50
N PHE A 307 4.45 -14.34 -2.97
CA PHE A 307 3.83 -14.07 -1.68
C PHE A 307 2.31 -14.18 -1.74
N THR A 308 1.69 -13.67 -2.81
CA THR A 308 0.25 -13.80 -2.90
C THR A 308 -0.15 -15.27 -2.98
N ALA A 309 0.65 -16.07 -3.69
CA ALA A 309 0.38 -17.51 -3.74
C ALA A 309 0.50 -18.16 -2.37
N ASN A 310 1.53 -17.82 -1.58
CA ASN A 310 1.61 -18.43 -0.25
C ASN A 310 0.42 -18.03 0.60
N GLN A 311 -0.01 -16.77 0.51
CA GLN A 311 -1.16 -16.35 1.30
C GLN A 311 -2.40 -17.15 0.91
N ALA A 312 -2.62 -17.36 -0.39
CA ALA A 312 -3.80 -18.14 -0.79
C ALA A 312 -3.73 -19.59 -0.31
N ILE A 313 -2.58 -20.25 -0.48
CA ILE A 313 -2.48 -21.65 -0.05
C ILE A 313 -2.61 -21.74 1.47
N LEU A 314 -1.97 -20.83 2.21
CA LEU A 314 -2.10 -20.84 3.66
C LEU A 314 -3.55 -20.65 4.08
N GLU A 315 -4.26 -19.73 3.43
CA GLU A 315 -5.67 -19.56 3.74
C GLU A 315 -6.51 -20.75 3.32
N ALA A 316 -5.97 -21.64 2.49
CA ALA A 316 -6.68 -22.85 2.08
C ALA A 316 -6.13 -24.09 2.76
N PHE A 317 -5.18 -23.94 3.68
CA PHE A 317 -4.61 -25.05 4.42
C PHE A 317 -4.84 -24.99 5.92
N GLU A 318 -5.41 -23.90 6.42
CA GLU A 318 -5.71 -23.79 7.84
C GLU A 318 -6.64 -24.91 8.31
N GLY A 319 -6.30 -25.52 9.44
CA GLY A 319 -7.09 -26.59 10.00
C GLY A 319 -6.96 -27.93 9.29
N LYS A 320 -5.79 -28.23 8.74
CA LYS A 320 -5.53 -29.48 8.06
C LYS A 320 -4.30 -30.13 8.68
N LYS A 321 -4.04 -31.39 8.29
CA LYS A 321 -2.86 -32.06 8.83
C LYS A 321 -1.82 -32.29 7.74
N ARG A 322 -1.98 -33.35 6.94
CA ARG A 322 -1.01 -33.59 5.88
C ARG A 322 -1.27 -32.64 4.72
N VAL A 323 -0.26 -31.86 4.33
CA VAL A 323 -0.37 -30.94 3.21
C VAL A 323 0.63 -31.36 2.15
N HIS A 324 0.12 -31.66 0.95
CA HIS A 324 0.93 -31.94 -0.22
C HIS A 324 0.85 -30.77 -1.20
N VAL A 325 1.99 -30.44 -1.80
CA VAL A 325 2.06 -29.34 -2.75
C VAL A 325 2.66 -29.86 -4.04
N ILE A 326 2.01 -29.55 -5.16
CA ILE A 326 2.51 -29.87 -6.49
C ILE A 326 2.85 -28.57 -7.19
N ASP A 327 4.10 -28.46 -7.62
CA ASP A 327 4.60 -27.25 -8.26
C ASP A 327 4.96 -27.55 -9.70
N PHE A 328 4.42 -26.74 -10.60
CA PHE A 328 4.68 -26.87 -12.02
C PHE A 328 5.86 -26.02 -12.47
N SER A 329 6.57 -25.42 -11.51
CA SER A 329 7.74 -24.61 -11.83
C SER A 329 8.57 -24.41 -10.54
N MET A 330 9.54 -25.30 -10.34
CA MET A 330 10.38 -25.18 -9.14
C MET A 330 11.37 -24.04 -9.28
N ASN A 331 11.95 -23.89 -10.46
CA ASN A 331 12.92 -22.83 -10.71
C ASN A 331 14.03 -22.86 -9.68
N GLN A 332 14.01 -21.90 -8.75
CA GLN A 332 14.99 -21.82 -7.69
C GLN A 332 14.41 -22.23 -6.33
N GLY A 333 13.09 -22.31 -6.21
CA GLY A 333 12.45 -22.61 -4.94
C GLY A 333 12.67 -21.49 -3.95
N LEU A 334 12.33 -20.28 -4.37
CA LEU A 334 12.44 -19.09 -3.53
C LEU A 334 11.10 -18.68 -2.92
N GLN A 335 10.06 -19.47 -3.14
CA GLN A 335 8.74 -19.22 -2.60
C GLN A 335 8.42 -20.05 -1.37
N TRP A 336 8.93 -21.27 -1.31
CA TRP A 336 8.65 -22.26 -0.27
C TRP A 336 9.16 -21.91 1.13
N PRO A 337 10.33 -21.26 1.29
CA PRO A 337 10.74 -20.81 2.65
C PRO A 337 9.64 -20.10 3.44
N ALA A 338 9.07 -19.04 2.86
CA ALA A 338 8.04 -18.29 3.57
C ALA A 338 6.83 -19.16 3.89
N LEU A 339 6.41 -20.00 2.94
CA LEU A 339 5.29 -20.89 3.21
C LEU A 339 5.61 -21.83 4.37
N MET A 340 6.83 -22.38 4.40
CA MET A 340 7.21 -23.29 5.46
C MET A 340 7.19 -22.62 6.82
N GLN A 341 7.78 -21.43 6.92
CA GLN A 341 7.73 -20.73 8.21
C GLN A 341 6.30 -20.42 8.61
N ALA A 342 5.48 -19.93 7.68
CA ALA A 342 4.10 -19.61 7.99
C ALA A 342 3.35 -20.83 8.49
N LEU A 343 3.60 -21.99 7.89
CA LEU A 343 3.00 -23.24 8.35
C LEU A 343 3.61 -23.71 9.65
N ALA A 344 4.79 -23.19 10.01
CA ALA A 344 5.42 -23.52 11.29
C ALA A 344 4.86 -22.67 12.43
N LEU A 345 4.96 -21.35 12.30
CA LEU A 345 4.42 -20.43 13.31
C LEU A 345 2.92 -20.30 13.20
N ARG A 346 2.22 -21.42 13.16
CA ARG A 346 0.78 -21.49 13.08
C ARG A 346 0.22 -21.86 14.45
N GLU A 347 -1.10 -21.94 14.53
CA GLU A 347 -1.78 -22.32 15.76
C GLU A 347 -2.30 -23.75 15.60
N GLY A 348 -1.93 -24.61 16.55
CA GLY A 348 -2.27 -26.02 16.49
C GLY A 348 -1.08 -26.93 16.23
N GLY A 349 0.02 -26.40 15.71
CA GLY A 349 1.18 -27.22 15.42
C GLY A 349 1.58 -27.22 13.96
N PRO A 350 2.88 -27.27 13.69
CA PRO A 350 3.36 -27.29 12.30
C PRO A 350 3.14 -28.66 11.68
N PRO A 351 2.25 -28.77 10.71
CA PRO A 351 1.93 -30.07 10.11
C PRO A 351 3.01 -30.55 9.14
N THR A 352 2.91 -31.83 8.79
CA THR A 352 3.80 -32.43 7.81
C THR A 352 3.67 -31.72 6.46
N PHE A 353 4.81 -31.46 5.82
CA PHE A 353 4.85 -30.75 4.56
C PHE A 353 5.48 -31.64 3.49
N ARG A 354 4.71 -31.97 2.45
CA ARG A 354 5.23 -32.73 1.32
C ARG A 354 5.27 -31.84 0.09
N LEU A 355 6.32 -32.01 -0.72
CA LEU A 355 6.49 -31.16 -1.89
C LEU A 355 6.97 -32.00 -3.08
N THR A 356 6.32 -31.78 -4.22
CA THR A 356 6.69 -32.45 -5.47
C THR A 356 6.80 -31.39 -6.54
N GLY A 357 8.01 -31.14 -7.00
CA GLY A 357 8.29 -30.11 -7.99
C GLY A 357 8.63 -30.72 -9.33
N ILE A 358 8.15 -30.10 -10.41
CA ILE A 358 8.42 -30.56 -11.77
C ILE A 358 9.12 -29.44 -12.52
N GLY A 359 10.21 -29.78 -13.21
CA GLY A 359 10.95 -28.79 -13.97
C GLY A 359 11.43 -29.24 -15.35
N PRO A 360 11.82 -28.26 -16.17
CA PRO A 360 12.30 -28.57 -17.52
C PRO A 360 13.61 -29.33 -17.51
N PRO A 361 13.84 -30.19 -18.49
CA PRO A 361 15.10 -30.94 -18.58
C PRO A 361 16.34 -30.07 -18.49
N ALA A 362 17.27 -30.46 -17.63
CA ALA A 362 18.50 -29.69 -17.45
C ALA A 362 19.22 -29.58 -18.79
N PRO A 363 19.59 -28.37 -19.21
CA PRO A 363 20.29 -28.23 -20.51
C PRO A 363 21.77 -28.53 -20.44
N ASP A 364 22.38 -28.46 -19.26
CA ASP A 364 23.80 -28.73 -19.09
C ASP A 364 24.05 -30.08 -18.43
N ASN A 365 23.03 -30.92 -18.30
CA ASN A 365 23.13 -32.23 -17.68
C ASN A 365 23.75 -32.13 -16.29
N SER A 366 23.02 -31.42 -15.41
CA SER A 366 23.46 -31.22 -14.04
C SER A 366 22.40 -31.73 -13.08
N ASP A 367 22.32 -31.14 -11.88
CA ASP A 367 21.37 -31.58 -10.87
C ASP A 367 21.01 -30.36 -10.01
N HIS A 368 19.96 -29.66 -10.41
CA HIS A 368 19.50 -28.45 -9.74
C HIS A 368 18.37 -28.74 -8.76
N LEU A 369 17.45 -29.63 -9.13
CA LEU A 369 16.37 -30.01 -8.22
C LEU A 369 16.92 -30.71 -6.99
N HIS A 370 18.00 -31.48 -7.14
CA HIS A 370 18.62 -32.12 -5.98
C HIS A 370 19.19 -31.08 -5.03
N GLU A 371 19.85 -30.05 -5.57
CA GLU A 371 20.39 -29.00 -4.72
C GLU A 371 19.28 -28.26 -4.00
N VAL A 372 18.20 -27.93 -4.70
CA VAL A 372 17.07 -27.24 -4.07
C VAL A 372 16.46 -28.11 -2.97
N GLY A 373 16.29 -29.41 -3.25
CA GLY A 373 15.74 -30.30 -2.24
C GLY A 373 16.61 -30.41 -1.00
N CYS A 374 17.93 -30.54 -1.19
CA CYS A 374 18.82 -30.60 -0.03
C CYS A 374 18.80 -29.31 0.77
N LYS A 375 18.80 -28.17 0.08
CA LYS A 375 18.76 -26.89 0.78
C LYS A 375 17.45 -26.74 1.56
N LEU A 376 16.35 -27.17 0.96
CA LEU A 376 15.05 -27.05 1.62
C LEU A 376 14.94 -27.98 2.81
N ALA A 377 15.48 -29.19 2.71
CA ALA A 377 15.47 -30.11 3.84
C ALA A 377 16.33 -29.60 4.99
N GLN A 378 17.51 -29.06 4.68
CA GLN A 378 18.35 -28.52 5.74
C GLN A 378 17.68 -27.34 6.44
N LEU A 379 17.12 -26.40 5.67
CA LEU A 379 16.42 -25.28 6.30
C LEU A 379 15.18 -25.77 7.07
N ALA A 380 14.52 -26.80 6.56
CA ALA A 380 13.40 -27.42 7.28
C ALA A 380 13.85 -27.85 8.67
N GLU A 381 14.87 -28.71 8.74
CA GLU A 381 15.38 -29.15 10.03
C GLU A 381 15.77 -27.96 10.90
N ALA A 382 16.47 -26.98 10.32
CA ALA A 382 16.83 -25.75 11.04
C ALA A 382 15.61 -24.96 11.51
N ILE A 383 14.42 -25.32 11.04
CA ILE A 383 13.17 -24.65 11.44
C ILE A 383 12.25 -25.56 12.24
N HIS A 384 12.55 -26.87 12.30
CA HIS A 384 11.80 -27.88 13.04
C HIS A 384 10.42 -28.17 12.47
N VAL A 385 10.38 -28.73 11.26
CA VAL A 385 9.11 -29.12 10.64
C VAL A 385 9.38 -30.32 9.74
N GLU A 386 8.41 -31.25 9.73
CA GLU A 386 8.52 -32.43 8.86
C GLU A 386 8.44 -31.99 7.40
N PHE A 387 9.23 -32.64 6.55
CA PHE A 387 9.30 -32.21 5.16
C PHE A 387 9.79 -33.36 4.29
N GLU A 388 9.04 -33.65 3.23
CA GLU A 388 9.40 -34.66 2.24
C GLU A 388 9.54 -33.96 0.89
N TYR A 389 10.63 -34.24 0.18
CA TYR A 389 10.92 -33.64 -1.11
C TYR A 389 10.90 -34.66 -2.25
N ARG A 390 10.45 -34.21 -3.42
CA ARG A 390 10.50 -35.05 -4.61
C ARG A 390 10.63 -34.15 -5.84
N GLY A 391 11.63 -34.40 -6.67
CA GLY A 391 11.86 -33.64 -7.88
C GLY A 391 11.59 -34.45 -9.14
N PHE A 392 11.15 -33.77 -10.19
CA PHE A 392 10.76 -34.41 -11.45
C PHE A 392 11.29 -33.61 -12.63
N VAL A 393 11.68 -34.33 -13.68
CA VAL A 393 12.24 -33.73 -14.89
C VAL A 393 11.35 -34.09 -16.08
N ALA A 394 10.84 -33.08 -16.77
CA ALA A 394 9.98 -33.30 -17.93
C ALA A 394 10.05 -32.08 -18.83
N ASN A 395 9.76 -32.30 -20.12
CA ASN A 395 9.82 -31.22 -21.10
C ASN A 395 8.68 -30.22 -20.92
N SER A 396 7.51 -30.56 -21.44
CA SER A 396 6.35 -29.68 -21.32
C SER A 396 5.51 -30.14 -20.12
N LEU A 397 4.23 -29.77 -20.11
CA LEU A 397 3.33 -30.16 -19.04
C LEU A 397 2.26 -31.12 -19.52
N ALA A 398 2.29 -31.51 -20.80
CA ALA A 398 1.31 -32.43 -21.37
C ALA A 398 1.62 -33.88 -21.07
N ASP A 399 2.88 -34.19 -20.78
CA ASP A 399 3.29 -35.56 -20.48
C ASP A 399 2.98 -35.92 -19.03
N LEU A 400 2.76 -34.92 -18.19
CA LEU A 400 2.45 -35.13 -16.79
C LEU A 400 1.15 -35.91 -16.64
N ASP A 401 1.16 -36.93 -15.80
CA ASP A 401 0.00 -37.78 -15.54
C ASP A 401 -0.39 -37.74 -14.07
N ALA A 402 -1.50 -38.42 -13.76
CA ALA A 402 -2.00 -38.48 -12.40
C ALA A 402 -1.44 -39.67 -11.63
N SER A 403 -0.88 -40.65 -12.33
CA SER A 403 -0.28 -41.82 -11.71
C SER A 403 1.21 -41.64 -11.50
N MET A 404 1.84 -40.88 -12.40
CA MET A 404 3.26 -40.57 -12.40
C MET A 404 3.56 -39.52 -11.32
N LEU A 405 2.69 -39.43 -10.30
CA LEU A 405 2.89 -38.47 -9.23
C LEU A 405 2.77 -39.10 -7.85
N GLU A 406 2.42 -40.37 -7.76
CA GLU A 406 2.28 -41.14 -6.51
C GLU A 406 1.47 -40.40 -5.44
N LEU A 407 0.19 -40.23 -5.72
CA LEU A 407 -0.68 -39.47 -4.82
C LEU A 407 -1.29 -40.36 -3.74
N ARG A 408 -1.63 -39.74 -2.62
CA ARG A 408 -2.27 -40.40 -1.50
C ARG A 408 -3.78 -40.20 -1.58
N PRO A 409 -4.56 -40.93 -0.80
CA PRO A 409 -6.02 -40.72 -0.82
C PRO A 409 -6.38 -39.29 -0.46
N SER A 410 -7.37 -38.74 -1.18
CA SER A 410 -7.84 -37.38 -0.89
C SER A 410 -8.44 -37.29 0.50
N ASP A 411 -8.99 -38.39 1.02
CA ASP A 411 -9.66 -38.39 2.31
C ASP A 411 -8.71 -38.26 3.48
N THR A 412 -7.39 -38.37 3.26
CA THR A 412 -6.43 -38.27 4.35
C THR A 412 -5.37 -37.21 4.07
N GLU A 413 -5.54 -36.40 3.04
CA GLU A 413 -4.55 -35.36 2.75
C GLU A 413 -5.20 -34.29 1.87
N ALA A 414 -4.52 -33.15 1.78
CA ALA A 414 -4.96 -32.01 0.98
C ALA A 414 -3.85 -31.69 -0.01
N VAL A 415 -4.21 -31.51 -1.28
CA VAL A 415 -3.26 -31.25 -2.35
C VAL A 415 -3.49 -29.84 -2.88
N ALA A 416 -2.39 -29.13 -3.17
CA ALA A 416 -2.49 -27.77 -3.68
C ALA A 416 -1.53 -27.58 -4.85
N VAL A 417 -2.04 -27.03 -5.96
CA VAL A 417 -1.28 -26.90 -7.20
C VAL A 417 -0.90 -25.45 -7.42
N ASN A 418 0.34 -25.22 -7.85
CA ASN A 418 0.86 -23.86 -8.01
C ASN A 418 1.39 -23.65 -9.43
N SER A 419 1.17 -22.45 -9.98
CA SER A 419 1.72 -22.11 -11.29
C SER A 419 2.01 -20.61 -11.38
N VAL A 420 3.25 -20.28 -11.74
CA VAL A 420 3.72 -18.90 -11.88
C VAL A 420 4.32 -18.75 -13.28
N PHE A 421 3.56 -18.13 -14.19
CA PHE A 421 3.98 -17.90 -15.58
C PHE A 421 4.51 -19.15 -16.27
N GLU A 422 3.63 -20.16 -16.37
CA GLU A 422 4.02 -21.39 -17.05
C GLU A 422 2.84 -22.00 -17.81
N LEU A 423 1.62 -21.60 -17.45
CA LEU A 423 0.45 -22.13 -18.13
C LEU A 423 0.40 -21.69 -19.59
N HIS A 424 0.82 -20.44 -19.88
CA HIS A 424 0.79 -19.93 -21.26
C HIS A 424 1.79 -20.60 -22.19
N LYS A 425 2.51 -21.63 -21.75
CA LYS A 425 3.44 -22.36 -22.60
C LYS A 425 2.82 -23.61 -23.20
N LEU A 426 1.67 -24.03 -22.67
CA LEU A 426 0.95 -25.21 -23.11
C LEU A 426 -0.01 -24.95 -24.26
N LEU A 427 -0.49 -23.71 -24.38
CA LEU A 427 -1.45 -23.34 -25.42
C LEU A 427 -0.97 -23.67 -26.83
N GLY A 428 0.34 -23.85 -27.04
CA GLY A 428 0.83 -24.15 -28.37
C GLY A 428 0.62 -25.56 -28.85
N ARG A 429 0.42 -26.50 -27.95
CA ARG A 429 0.21 -27.85 -28.45
C ARG A 429 -1.28 -28.13 -28.51
N PRO A 430 -1.80 -28.60 -29.66
CA PRO A 430 -3.24 -28.88 -29.76
C PRO A 430 -3.70 -29.96 -28.81
N GLY A 431 -4.49 -29.58 -27.81
CA GLY A 431 -5.03 -30.49 -26.83
C GLY A 431 -4.30 -30.50 -25.51
N GLY A 432 -3.13 -29.86 -25.43
CA GLY A 432 -2.34 -29.81 -24.22
C GLY A 432 -3.07 -29.30 -23.00
N ILE A 433 -3.34 -27.99 -23.00
CA ILE A 433 -4.05 -27.30 -21.93
C ILE A 433 -5.28 -28.08 -21.46
N GLU A 434 -6.08 -28.59 -22.40
CA GLU A 434 -7.27 -29.36 -22.03
C GLU A 434 -6.89 -30.63 -21.27
N LYS A 435 -5.87 -31.35 -21.75
CA LYS A 435 -5.43 -32.57 -21.07
C LYS A 435 -4.96 -32.27 -19.66
N VAL A 436 -4.12 -31.24 -19.50
CA VAL A 436 -3.61 -30.87 -18.19
C VAL A 436 -4.75 -30.45 -17.27
N LEU A 437 -5.72 -29.67 -17.78
CA LEU A 437 -6.86 -29.31 -16.96
C LEU A 437 -7.63 -30.54 -16.51
N GLY A 438 -7.84 -31.49 -17.42
CA GLY A 438 -8.53 -32.72 -17.05
C GLY A 438 -7.80 -33.54 -16.00
N VAL A 439 -6.47 -33.68 -16.15
CA VAL A 439 -5.71 -34.41 -15.13
C VAL A 439 -5.78 -33.69 -13.79
N VAL A 440 -5.70 -32.35 -13.80
CA VAL A 440 -5.81 -31.59 -12.56
C VAL A 440 -7.16 -31.85 -11.90
N LYS A 441 -8.22 -31.85 -12.70
CA LYS A 441 -9.55 -32.20 -12.18
C LYS A 441 -9.53 -33.58 -11.54
N GLN A 442 -8.95 -34.56 -12.25
CA GLN A 442 -8.82 -35.91 -11.70
C GLN A 442 -8.02 -35.92 -10.40
N ILE A 443 -7.13 -34.96 -10.21
CA ILE A 443 -6.34 -34.88 -8.98
C ILE A 443 -7.17 -34.38 -7.81
N LYS A 444 -8.25 -33.66 -8.08
CA LYS A 444 -9.17 -33.18 -7.05
C LYS A 444 -8.47 -32.40 -5.94
N PRO A 445 -7.85 -31.27 -6.26
CA PRO A 445 -7.14 -30.49 -5.23
C PRO A 445 -8.06 -29.50 -4.55
N VAL A 446 -7.56 -28.90 -3.47
CA VAL A 446 -8.32 -27.89 -2.74
C VAL A 446 -8.02 -26.47 -3.22
N ILE A 447 -6.95 -26.25 -3.98
CA ILE A 447 -6.69 -24.93 -4.53
C ILE A 447 -5.71 -25.08 -5.70
N PHE A 448 -5.88 -24.20 -6.69
CA PHE A 448 -5.03 -24.15 -7.87
C PHE A 448 -4.70 -22.67 -8.06
N THR A 449 -3.46 -22.30 -7.82
CA THR A 449 -3.01 -20.90 -7.91
C THR A 449 -2.41 -20.64 -9.28
N VAL A 450 -2.86 -19.56 -9.94
CA VAL A 450 -2.41 -19.21 -11.27
C VAL A 450 -1.95 -17.76 -11.26
N VAL A 451 -0.72 -17.51 -11.72
CA VAL A 451 -0.22 -16.16 -11.91
C VAL A 451 0.15 -15.99 -13.37
N GLU A 452 -0.34 -14.92 -14.01
CA GLU A 452 -0.16 -14.72 -15.43
C GLU A 452 0.05 -13.25 -15.76
N GLN A 453 0.38 -13.00 -17.02
CA GLN A 453 0.52 -11.64 -17.55
C GLN A 453 -0.76 -11.27 -18.28
N GLU A 454 -1.33 -10.12 -17.93
CA GLU A 454 -2.60 -9.66 -18.49
C GLU A 454 -2.35 -8.96 -19.83
N SER A 455 -2.32 -9.76 -20.90
CA SER A 455 -2.12 -9.24 -22.25
C SER A 455 -2.56 -10.30 -23.25
N ASN A 456 -3.16 -9.86 -24.35
CA ASN A 456 -3.60 -10.74 -25.43
C ASN A 456 -2.55 -10.79 -26.53
N HIS A 457 -1.77 -11.87 -26.55
CA HIS A 457 -0.79 -12.08 -27.61
C HIS A 457 -1.04 -13.33 -28.43
N ASN A 458 -2.11 -14.09 -28.16
CA ASN A 458 -2.45 -15.27 -28.92
C ASN A 458 -3.32 -14.97 -30.13
N GLY A 459 -3.38 -13.72 -30.56
CA GLY A 459 -4.18 -13.33 -31.71
C GLY A 459 -3.63 -13.83 -33.02
N PRO A 460 -4.53 -14.26 -33.92
CA PRO A 460 -4.09 -14.76 -35.23
C PRO A 460 -3.29 -13.73 -36.03
N VAL A 461 -3.89 -12.55 -36.26
CA VAL A 461 -3.22 -11.50 -37.00
C VAL A 461 -1.89 -11.14 -36.35
N PHE A 462 -0.84 -11.09 -37.16
CA PHE A 462 0.49 -10.77 -36.66
C PHE A 462 0.63 -9.29 -36.33
N LEU A 463 0.02 -8.42 -37.15
CA LEU A 463 0.09 -6.97 -36.90
C LEU A 463 -0.42 -6.61 -35.50
N ASP A 464 -1.58 -7.15 -35.12
CA ASP A 464 -2.14 -6.88 -33.80
C ASP A 464 -1.15 -7.30 -32.72
N ARG A 465 -0.58 -8.49 -32.86
CA ARG A 465 0.38 -8.98 -31.89
C ARG A 465 1.53 -7.99 -31.75
N PHE A 466 2.07 -7.57 -32.89
CA PHE A 466 3.17 -6.61 -32.91
C PHE A 466 2.82 -5.35 -32.12
N THR A 467 1.71 -4.70 -32.50
CA THR A 467 1.29 -3.48 -31.80
C THR A 467 1.15 -3.67 -30.29
N GLU A 468 0.32 -4.63 -29.89
CA GLU A 468 0.10 -4.89 -28.47
C GLU A 468 1.40 -5.15 -27.73
N SER A 469 2.19 -6.11 -28.22
CA SER A 469 3.47 -6.42 -27.58
C SER A 469 4.35 -5.19 -27.48
N LEU A 470 4.45 -4.43 -28.57
CA LEU A 470 5.27 -3.22 -28.60
C LEU A 470 4.89 -2.28 -27.46
N HIS A 471 3.62 -1.90 -27.39
CA HIS A 471 3.19 -0.98 -26.34
C HIS A 471 3.37 -1.55 -24.94
N TYR A 472 3.09 -2.85 -24.77
CA TYR A 472 3.24 -3.47 -23.45
C TYR A 472 4.69 -3.50 -23.01
N TYR A 473 5.61 -3.81 -23.92
CA TYR A 473 7.00 -3.86 -23.54
C TYR A 473 7.58 -2.46 -23.43
N SER A 474 7.04 -1.50 -24.17
CA SER A 474 7.57 -0.15 -24.04
C SER A 474 7.19 0.43 -22.68
N THR A 475 6.00 0.08 -22.18
CA THR A 475 5.63 0.59 -20.86
C THR A 475 6.38 -0.18 -19.80
N LEU A 476 6.73 -1.45 -20.09
CA LEU A 476 7.47 -2.24 -19.12
C LEU A 476 8.89 -1.70 -19.01
N PHE A 477 9.52 -1.34 -20.14
CA PHE A 477 10.87 -0.80 -20.08
C PHE A 477 10.84 0.59 -19.45
N ASP A 478 9.78 1.36 -19.72
CA ASP A 478 9.67 2.69 -19.13
C ASP A 478 9.60 2.59 -17.62
N SER A 479 9.01 1.50 -17.09
CA SER A 479 8.92 1.37 -15.64
C SER A 479 10.29 1.03 -14.92
N LEU A 480 11.45 0.98 -15.59
CA LEU A 480 12.74 0.64 -14.97
C LEU A 480 13.81 1.65 -15.34
N GLU A 481 13.42 2.89 -15.62
CA GLU A 481 14.38 3.92 -15.98
C GLU A 481 14.83 4.75 -14.79
N GLY A 482 14.15 4.63 -13.65
CA GLY A 482 14.52 5.38 -12.46
C GLY A 482 15.59 4.74 -11.59
N VAL A 483 15.63 3.41 -11.54
CA VAL A 483 16.63 2.73 -10.70
C VAL A 483 18.02 3.04 -11.22
N PRO A 484 19.02 3.21 -10.35
CA PRO A 484 20.38 3.53 -10.79
C PRO A 484 21.03 2.38 -11.55
N ASN A 485 22.07 2.73 -12.31
CA ASN A 485 22.83 1.77 -13.08
C ASN A 485 23.43 0.71 -12.18
N SER A 486 23.26 -0.55 -12.57
CA SER A 486 23.77 -1.69 -11.81
C SER A 486 23.98 -2.85 -12.77
N GLN A 487 24.03 -4.07 -12.23
CA GLN A 487 24.22 -5.30 -12.99
C GLN A 487 22.91 -6.05 -13.15
N ASP A 488 22.11 -6.11 -12.09
CA ASP A 488 20.82 -6.79 -12.17
C ASP A 488 19.94 -6.14 -13.23
N LYS A 489 19.93 -4.81 -13.26
CA LYS A 489 19.14 -4.07 -14.25
C LYS A 489 19.56 -4.44 -15.66
N VAL A 490 20.87 -4.43 -15.93
CA VAL A 490 21.36 -4.78 -17.27
C VAL A 490 20.95 -6.20 -17.63
N MET A 491 21.11 -7.13 -16.69
CA MET A 491 20.76 -8.52 -16.93
C MET A 491 19.28 -8.65 -17.27
N SER A 492 18.42 -7.98 -16.48
CA SER A 492 16.98 -8.01 -16.71
C SER A 492 16.63 -7.44 -18.08
N GLU A 493 17.27 -6.32 -18.45
CA GLU A 493 17.01 -5.72 -19.75
C GLU A 493 17.34 -6.72 -20.85
N VAL A 494 18.49 -7.38 -20.74
CA VAL A 494 18.88 -8.37 -21.74
C VAL A 494 17.83 -9.48 -21.82
N TYR A 495 17.38 -9.96 -20.65
CA TYR A 495 16.36 -11.01 -20.62
C TYR A 495 15.09 -10.58 -21.34
N LEU A 496 14.61 -9.37 -21.03
CA LEU A 496 13.41 -8.84 -21.67
C LEU A 496 13.61 -8.75 -23.18
N GLY A 497 14.78 -8.24 -23.60
CA GLY A 497 15.09 -8.14 -25.01
C GLY A 497 14.99 -9.47 -25.70
N LYS A 498 15.61 -10.50 -25.11
CA LYS A 498 15.59 -11.84 -25.67
C LYS A 498 14.14 -12.32 -25.79
N GLN A 499 13.35 -12.09 -24.74
CA GLN A 499 11.95 -12.49 -24.75
C GLN A 499 11.21 -11.85 -25.93
N ILE A 500 11.40 -10.54 -26.09
CA ILE A 500 10.75 -9.80 -27.18
C ILE A 500 11.20 -10.33 -28.53
N CYS A 501 12.49 -10.62 -28.66
CA CYS A 501 12.99 -11.12 -29.94
C CYS A 501 12.37 -12.47 -30.27
N ASN A 502 12.36 -13.38 -29.29
CA ASN A 502 11.75 -14.69 -29.55
C ASN A 502 10.30 -14.53 -29.97
N LEU A 503 9.57 -13.65 -29.28
CA LEU A 503 8.17 -13.43 -29.61
C LEU A 503 7.98 -12.93 -31.04
N VAL A 504 8.82 -12.01 -31.51
CA VAL A 504 8.66 -11.49 -32.87
C VAL A 504 9.63 -12.17 -33.86
N ALA A 505 9.97 -13.43 -33.62
CA ALA A 505 10.88 -14.09 -34.55
C ALA A 505 10.62 -15.59 -34.68
N CYS A 506 10.05 -16.18 -33.65
CA CYS A 506 9.74 -17.62 -33.59
C CYS A 506 8.24 -17.81 -33.73
N GLU A 507 7.82 -18.58 -34.73
CA GLU A 507 6.41 -18.83 -34.97
C GLU A 507 6.16 -20.33 -34.80
N GLY A 508 4.91 -20.73 -35.03
CA GLY A 508 4.53 -22.11 -34.89
C GLY A 508 4.54 -22.58 -33.45
N PRO A 509 4.87 -23.85 -33.23
CA PRO A 509 4.92 -24.37 -31.86
C PRO A 509 6.10 -23.83 -31.05
N ASP A 510 7.23 -23.53 -31.69
CA ASP A 510 8.37 -22.93 -30.99
C ASP A 510 7.93 -21.76 -30.10
N ARG A 511 7.06 -20.89 -30.61
CA ARG A 511 6.58 -19.75 -29.83
C ARG A 511 5.87 -20.20 -28.56
N VAL A 512 6.47 -19.93 -27.40
CA VAL A 512 5.82 -20.29 -26.15
C VAL A 512 5.19 -19.09 -25.45
N GLU A 513 5.59 -17.87 -25.79
CA GLU A 513 5.06 -16.67 -25.14
C GLU A 513 3.75 -16.24 -25.77
N ARG A 514 2.69 -16.98 -25.46
CA ARG A 514 1.34 -16.70 -25.96
C ARG A 514 0.44 -16.49 -24.74
N HIS A 515 0.28 -15.22 -24.38
CA HIS A 515 -0.49 -14.78 -23.22
C HIS A 515 -1.93 -14.46 -23.59
N GLU A 516 -2.76 -14.32 -22.54
CA GLU A 516 -4.18 -14.05 -22.66
C GLU A 516 -4.58 -13.21 -21.44
N THR A 517 -5.83 -12.75 -21.42
CA THR A 517 -6.27 -11.89 -20.34
C THR A 517 -7.10 -12.69 -19.34
N LEU A 518 -7.66 -11.97 -18.36
CA LEU A 518 -8.49 -12.60 -17.34
C LEU A 518 -9.72 -13.26 -17.94
N SER A 519 -10.46 -12.54 -18.80
CA SER A 519 -11.70 -13.09 -19.35
C SER A 519 -11.46 -14.41 -20.09
N GLN A 520 -10.50 -14.43 -21.02
CA GLN A 520 -10.19 -15.64 -21.77
C GLN A 520 -9.82 -16.79 -20.84
N TRP A 521 -8.87 -16.55 -19.94
CA TRP A 521 -8.42 -17.59 -19.03
C TRP A 521 -9.59 -18.14 -18.22
N GLY A 522 -10.43 -17.25 -17.70
CA GLY A 522 -11.60 -17.68 -16.96
C GLY A 522 -12.56 -18.52 -17.80
N ASN A 523 -12.71 -18.18 -19.09
CA ASN A 523 -13.56 -19.00 -19.93
C ASN A 523 -12.96 -20.39 -20.14
N ARG A 524 -11.64 -20.44 -20.31
CA ARG A 524 -10.97 -21.73 -20.47
C ARG A 524 -11.14 -22.58 -19.21
N PHE A 525 -11.07 -21.95 -18.04
CA PHE A 525 -11.18 -22.67 -16.78
C PHE A 525 -12.63 -23.10 -16.51
N GLY A 526 -13.59 -22.27 -16.91
CA GLY A 526 -15.00 -22.58 -16.70
C GLY A 526 -15.54 -23.70 -17.56
N SER A 527 -14.82 -24.07 -18.63
CA SER A 527 -15.27 -25.13 -19.51
C SER A 527 -14.93 -26.52 -18.97
N SER A 528 -14.20 -26.59 -17.86
CA SER A 528 -13.72 -27.83 -17.31
C SER A 528 -14.27 -28.15 -15.93
N GLY A 529 -14.88 -27.18 -15.24
CA GLY A 529 -15.46 -27.45 -13.94
C GLY A 529 -14.69 -26.82 -12.80
N LEU A 530 -14.17 -25.62 -13.01
CA LEU A 530 -13.41 -24.90 -12.00
C LEU A 530 -14.11 -23.59 -11.65
N ALA A 531 -14.19 -23.31 -10.34
CA ALA A 531 -14.81 -22.13 -9.77
C ALA A 531 -13.75 -21.19 -9.19
N PRO A 532 -14.03 -19.89 -9.10
CA PRO A 532 -13.06 -18.94 -8.54
C PRO A 532 -12.89 -19.11 -7.03
N ALA A 533 -11.86 -18.45 -6.52
CA ALA A 533 -11.51 -18.45 -5.10
C ALA A 533 -11.13 -17.03 -4.72
N HIS A 534 -12.02 -16.36 -4.01
CA HIS A 534 -11.88 -14.93 -3.72
C HIS A 534 -10.80 -14.68 -2.67
N LEU A 535 -9.72 -14.04 -3.10
CA LEU A 535 -8.69 -13.52 -2.20
C LEU A 535 -9.26 -12.44 -1.28
N GLY A 536 -8.54 -12.14 -0.20
CA GLY A 536 -8.98 -11.19 0.78
C GLY A 536 -8.06 -9.98 0.92
N SER A 537 -8.46 -9.09 1.83
CA SER A 537 -7.69 -7.89 2.14
C SER A 537 -6.27 -8.18 2.61
N ASN A 538 -6.06 -9.30 3.30
CA ASN A 538 -4.73 -9.65 3.80
C ASN A 538 -3.69 -9.68 2.69
N ALA A 539 -3.95 -10.43 1.61
CA ALA A 539 -3.02 -10.48 0.50
C ALA A 539 -2.76 -9.08 -0.06
N PHE A 540 -3.82 -8.29 -0.19
CA PHE A 540 -3.69 -6.91 -0.66
C PHE A 540 -2.69 -6.13 0.19
N LYS A 541 -2.90 -6.15 1.51
CA LYS A 541 -2.01 -5.47 2.44
C LYS A 541 -0.57 -5.95 2.31
N GLN A 542 -0.39 -7.28 2.25
CA GLN A 542 0.96 -7.84 2.09
C GLN A 542 1.64 -7.27 0.85
N ALA A 543 0.95 -7.33 -0.30
CA ALA A 543 1.51 -6.79 -1.54
C ALA A 543 1.83 -5.30 -1.39
N SER A 544 0.92 -4.54 -0.79
CA SER A 544 1.14 -3.13 -0.55
C SER A 544 2.45 -2.90 0.18
N MET A 545 2.61 -3.58 1.33
CA MET A 545 3.84 -3.44 2.10
C MET A 545 5.06 -3.83 1.27
N LEU A 546 4.94 -4.92 0.50
CA LEU A 546 6.03 -5.35 -0.37
C LEU A 546 6.51 -4.21 -1.24
N LEU A 547 5.58 -3.59 -1.99
CA LEU A 547 5.97 -2.48 -2.85
C LEU A 547 6.47 -1.28 -2.06
N SER A 548 5.92 -1.06 -0.86
CA SER A 548 6.38 0.06 -0.05
C SER A 548 7.79 -0.14 0.51
N VAL A 549 8.33 -1.36 0.47
CA VAL A 549 9.67 -1.54 1.00
C VAL A 549 10.73 -0.97 0.05
N PHE A 550 10.53 -1.07 -1.26
CA PHE A 550 11.49 -0.54 -2.23
C PHE A 550 10.96 0.71 -2.91
N ASN A 551 11.85 1.70 -3.07
CA ASN A 551 11.56 2.98 -3.71
C ASN A 551 10.35 3.68 -3.08
N SER A 552 10.25 3.60 -1.77
CA SER A 552 9.19 4.24 -0.98
C SER A 552 7.80 4.01 -1.56
N GLY A 553 7.52 2.75 -1.97
CA GLY A 553 6.23 2.40 -2.52
C GLY A 553 5.63 3.33 -3.56
N GLN A 554 6.22 3.40 -4.75
CA GLN A 554 5.69 4.28 -5.78
C GLN A 554 5.77 3.59 -7.14
N GLY A 555 4.87 4.01 -8.02
CA GLY A 555 4.76 3.50 -9.38
C GLY A 555 3.88 2.26 -9.49
N TYR A 556 4.34 1.14 -8.95
CA TYR A 556 3.56 -0.10 -9.01
C TYR A 556 2.43 -0.05 -7.99
N ARG A 557 1.23 -0.45 -8.44
CA ARG A 557 0.02 -0.35 -7.64
C ARG A 557 -0.81 -1.61 -7.82
N VAL A 558 -1.17 -2.23 -6.69
CA VAL A 558 -2.06 -3.40 -6.67
C VAL A 558 -3.51 -2.94 -6.75
N GLU A 559 -4.26 -3.57 -7.66
CA GLU A 559 -5.69 -3.33 -7.82
C GLU A 559 -6.46 -4.65 -7.78
N GLU A 560 -7.47 -4.72 -6.92
CA GLU A 560 -8.33 -5.91 -6.82
C GLU A 560 -9.54 -5.73 -7.72
N SER A 561 -9.79 -6.70 -8.58
CA SER A 561 -10.93 -6.64 -9.51
C SER A 561 -11.47 -8.04 -9.75
N ASN A 562 -12.70 -8.30 -9.29
CA ASN A 562 -13.44 -9.54 -9.50
C ASN A 562 -12.87 -10.73 -8.74
N GLY A 563 -12.17 -10.48 -7.63
CA GLY A 563 -11.59 -11.56 -6.86
C GLY A 563 -10.20 -11.96 -7.27
N CYS A 564 -9.49 -11.12 -8.01
CA CYS A 564 -8.13 -11.40 -8.46
C CYS A 564 -7.31 -10.14 -8.23
N LEU A 565 -6.01 -10.30 -8.08
CA LEU A 565 -5.17 -9.13 -7.87
C LEU A 565 -4.34 -8.85 -9.12
N MET A 566 -4.11 -7.55 -9.38
CA MET A 566 -3.25 -7.13 -10.48
C MET A 566 -2.23 -6.13 -9.96
N LEU A 567 -0.96 -6.41 -10.19
CA LEU A 567 0.11 -5.46 -9.95
C LEU A 567 0.39 -4.77 -11.28
N GLY A 568 0.26 -3.44 -11.31
CA GLY A 568 0.39 -2.72 -12.56
C GLY A 568 1.08 -1.37 -12.36
N TRP A 569 1.60 -0.86 -13.47
CA TRP A 569 2.22 0.47 -13.51
C TRP A 569 1.08 1.49 -13.52
N HIS A 570 0.71 1.95 -12.33
CA HIS A 570 -0.42 2.86 -12.13
C HIS A 570 -1.73 2.18 -12.50
N THR A 571 -2.27 2.50 -13.67
CA THR A 571 -3.55 1.96 -14.10
C THR A 571 -3.41 0.93 -15.22
N ARG A 572 -2.20 0.44 -15.47
CA ARG A 572 -1.97 -0.54 -16.53
C ARG A 572 -1.69 -1.91 -15.90
N PRO A 573 -2.68 -2.80 -15.86
CA PRO A 573 -2.44 -4.13 -15.27
C PRO A 573 -1.29 -4.84 -15.95
N LEU A 574 -0.40 -5.42 -15.15
CA LEU A 574 0.77 -6.13 -15.65
C LEU A 574 0.78 -7.59 -15.25
N ILE A 575 0.57 -7.88 -13.96
CA ILE A 575 0.56 -9.25 -13.45
C ILE A 575 -0.79 -9.50 -12.78
N THR A 576 -1.45 -10.58 -13.15
CA THR A 576 -2.76 -10.95 -12.62
C THR A 576 -2.67 -12.31 -11.93
N THR A 577 -2.87 -12.31 -10.61
CA THR A 577 -2.86 -13.52 -9.80
C THR A 577 -4.28 -13.87 -9.39
N SER A 578 -4.57 -15.17 -9.36
CA SER A 578 -5.89 -15.65 -8.97
C SER A 578 -5.78 -17.09 -8.48
N ALA A 579 -6.88 -17.57 -7.91
CA ALA A 579 -6.96 -18.93 -7.40
C ALA A 579 -8.29 -19.54 -7.82
N TRP A 580 -8.27 -20.85 -8.06
CA TRP A 580 -9.48 -21.57 -8.43
C TRP A 580 -9.58 -22.85 -7.62
N LYS A 581 -10.73 -23.50 -7.71
CA LYS A 581 -10.99 -24.75 -7.00
C LYS A 581 -12.03 -25.56 -7.77
N LEU A 582 -12.29 -26.77 -7.28
CA LEU A 582 -13.26 -27.64 -7.93
C LEU A 582 -14.67 -27.12 -7.72
N SER A 583 -15.41 -26.98 -8.82
CA SER A 583 -16.78 -26.50 -8.76
C SER A 583 -17.71 -27.55 -8.16
N ILE B 10 -35.38 6.89 8.27
CA ILE B 10 -36.67 6.73 7.62
C ILE B 10 -36.93 7.91 6.68
N GLU B 11 -36.54 9.11 7.12
CA GLU B 11 -36.74 10.30 6.29
C GLU B 11 -35.93 10.23 5.02
N SER B 12 -34.74 9.60 5.06
CA SER B 12 -33.89 9.51 3.90
C SER B 12 -34.49 8.64 2.81
N ARG B 13 -35.29 7.63 3.18
CA ARG B 13 -35.93 6.75 2.21
C ARG B 13 -37.06 7.42 1.43
N THR B 14 -37.46 8.64 1.82
CA THR B 14 -38.56 9.31 1.13
C THR B 14 -38.11 10.38 0.15
N VAL B 15 -36.85 10.84 0.23
CA VAL B 15 -36.41 11.95 -0.61
C VAL B 15 -35.54 11.51 -1.78
N VAL B 16 -35.01 10.28 -1.76
CA VAL B 16 -34.19 9.79 -2.85
C VAL B 16 -34.74 8.44 -3.29
N PRO B 17 -34.37 7.97 -4.49
CA PRO B 17 -34.76 6.61 -4.87
C PRO B 17 -34.02 5.57 -4.04
N LEU B 18 -34.31 4.29 -4.29
CA LEU B 18 -33.74 3.24 -3.47
C LEU B 18 -32.27 3.00 -3.82
N ASN B 19 -31.91 3.10 -5.09
CA ASN B 19 -30.55 2.77 -5.51
C ASN B 19 -29.54 3.81 -5.02
N THR B 20 -29.89 5.09 -5.13
CA THR B 20 -29.04 6.13 -4.57
C THR B 20 -28.93 6.00 -3.05
N TRP B 21 -30.04 5.68 -2.39
CA TRP B 21 -30.02 5.45 -0.95
C TRP B 21 -29.02 4.35 -0.60
N VAL B 22 -29.10 3.21 -1.29
CA VAL B 22 -28.24 2.08 -0.95
C VAL B 22 -26.78 2.41 -1.24
N LEU B 23 -26.53 3.10 -2.36
CA LEU B 23 -25.15 3.47 -2.70
C LEU B 23 -24.56 4.38 -1.63
N ILE B 24 -25.28 5.45 -1.27
CA ILE B 24 -24.74 6.41 -0.32
C ILE B 24 -24.61 5.78 1.07
N SER B 25 -25.56 4.92 1.45
CA SER B 25 -25.46 4.27 2.75
C SER B 25 -24.27 3.34 2.82
N ASN B 26 -24.00 2.59 1.75
CA ASN B 26 -22.84 1.72 1.74
C ASN B 26 -21.55 2.53 1.81
N PHE B 27 -21.47 3.64 1.08
CA PHE B 27 -20.30 4.51 1.20
C PHE B 27 -20.15 5.04 2.62
N LYS B 28 -21.25 5.47 3.23
CA LYS B 28 -21.20 6.01 4.58
C LYS B 28 -20.70 4.97 5.57
N VAL B 29 -21.18 3.73 5.46
CA VAL B 29 -20.72 2.66 6.35
C VAL B 29 -19.24 2.37 6.12
N ALA B 30 -18.84 2.29 4.85
CA ALA B 30 -17.44 1.98 4.54
C ALA B 30 -16.51 3.03 5.11
N TYR B 31 -16.82 4.31 4.91
CA TYR B 31 -15.96 5.36 5.46
C TYR B 31 -16.12 5.53 6.96
N ASN B 32 -17.22 5.06 7.55
CA ASN B 32 -17.29 4.94 9.00
C ASN B 32 -16.24 3.96 9.53
N ILE B 33 -16.18 2.76 8.93
CA ILE B 33 -15.25 1.74 9.45
C ILE B 33 -13.80 2.01 9.07
N LEU B 34 -13.52 2.98 8.21
CA LEU B 34 -12.15 3.34 7.88
C LEU B 34 -11.63 4.53 8.68
N ARG B 35 -12.47 5.16 9.50
CA ARG B 35 -12.05 6.31 10.27
C ARG B 35 -11.24 5.86 11.48
N ARG B 36 -10.49 6.79 12.07
CA ARG B 36 -9.64 6.48 13.23
C ARG B 36 -9.59 7.73 14.11
N PRO B 37 -9.85 7.59 15.41
CA PRO B 37 -9.84 8.79 16.27
C PRO B 37 -8.49 9.48 16.34
N ASP B 38 -7.40 8.72 16.48
CA ASP B 38 -6.06 9.29 16.58
C ASP B 38 -5.81 10.27 15.43
N GLY B 39 -6.24 9.93 14.21
CA GLY B 39 -5.98 10.78 13.07
C GLY B 39 -5.40 10.05 11.87
N THR B 40 -4.90 8.84 12.10
CA THR B 40 -4.37 8.01 11.02
C THR B 40 -5.52 7.44 10.19
N PHE B 41 -5.21 7.08 8.95
CA PHE B 41 -6.23 6.58 8.03
C PHE B 41 -5.82 5.23 7.48
N ASN B 42 -6.77 4.29 7.47
CA ASN B 42 -6.55 2.91 7.03
C ASN B 42 -6.55 2.89 5.51
N ARG B 43 -5.35 3.04 4.94
CA ARG B 43 -5.21 3.17 3.48
C ARG B 43 -5.41 1.85 2.75
N HIS B 44 -4.86 0.76 3.28
CA HIS B 44 -4.90 -0.52 2.57
C HIS B 44 -6.32 -1.06 2.43
N LEU B 45 -7.09 -1.03 3.52
CA LEU B 45 -8.47 -1.53 3.42
C LEU B 45 -9.32 -0.61 2.56
N ALA B 46 -9.05 0.70 2.60
CA ALA B 46 -9.75 1.63 1.72
C ALA B 46 -9.51 1.29 0.26
N GLU B 47 -8.24 1.11 -0.12
CA GLU B 47 -7.94 0.76 -1.51
C GLU B 47 -8.51 -0.60 -1.89
N TYR B 48 -8.59 -1.55 -0.94
CA TYR B 48 -9.24 -2.81 -1.23
C TYR B 48 -10.73 -2.62 -1.52
N LEU B 49 -11.44 -1.94 -0.61
CA LEU B 49 -12.88 -1.74 -0.77
C LEU B 49 -13.23 -0.81 -1.92
N ASP B 50 -12.25 -0.15 -2.53
CA ASP B 50 -12.52 0.80 -3.60
C ASP B 50 -12.67 0.09 -4.94
N ARG B 51 -13.55 0.62 -5.77
CA ARG B 51 -13.83 0.04 -7.09
C ARG B 51 -13.29 1.00 -8.14
N LYS B 52 -12.30 0.53 -8.90
CA LYS B 52 -11.62 1.36 -9.89
C LYS B 52 -11.83 0.75 -11.28
N VAL B 53 -11.49 1.52 -12.30
CA VAL B 53 -11.56 1.07 -13.68
C VAL B 53 -10.25 1.37 -14.38
N THR B 54 -10.18 1.02 -15.66
CA THR B 54 -8.99 1.20 -16.47
C THR B 54 -9.34 1.92 -17.77
N ALA B 55 -8.35 2.59 -18.34
CA ALA B 55 -8.56 3.31 -19.58
C ALA B 55 -8.84 2.34 -20.72
N ASN B 56 -9.58 2.81 -21.72
CA ASN B 56 -9.94 1.99 -22.87
C ASN B 56 -9.91 2.85 -24.12
N ALA B 57 -8.96 2.57 -25.01
CA ALA B 57 -8.82 3.33 -26.25
C ALA B 57 -9.92 3.02 -27.26
N ASN B 58 -10.57 1.87 -27.16
CA ASN B 58 -11.64 1.55 -28.09
C ASN B 58 -12.87 2.39 -27.78
N PRO B 59 -13.60 2.85 -28.80
CA PRO B 59 -14.75 3.72 -28.54
C PRO B 59 -15.89 2.96 -27.89
N VAL B 60 -16.55 3.61 -26.94
CA VAL B 60 -17.67 3.02 -26.20
C VAL B 60 -18.77 4.08 -26.17
N ASP B 61 -19.77 3.92 -27.02
CA ASP B 61 -20.87 4.88 -27.16
C ASP B 61 -20.34 6.29 -27.40
N GLY B 62 -19.28 6.39 -28.19
CA GLY B 62 -18.76 7.68 -28.60
C GLY B 62 -17.73 8.29 -27.67
N VAL B 63 -17.07 7.49 -26.82
CA VAL B 63 -16.13 8.01 -25.84
C VAL B 63 -15.03 6.98 -25.58
N PHE B 64 -13.82 7.29 -26.00
CA PHE B 64 -12.62 6.57 -25.60
C PHE B 64 -11.86 7.39 -24.56
N SER B 65 -10.63 6.99 -24.24
CA SER B 65 -9.88 7.55 -23.12
C SER B 65 -8.53 6.85 -23.03
N PHE B 66 -7.62 7.50 -22.31
CA PHE B 66 -6.27 6.99 -22.10
C PHE B 66 -5.61 7.79 -20.99
N ASP B 67 -4.62 7.18 -20.34
CA ASP B 67 -3.88 7.82 -19.27
C ASP B 67 -2.67 8.57 -19.81
N VAL B 68 -2.36 9.69 -19.15
CA VAL B 68 -1.18 10.48 -19.46
C VAL B 68 -0.41 10.74 -18.18
N LEU B 69 0.84 10.29 -18.12
CA LEU B 69 1.70 10.50 -16.96
C LEU B 69 2.35 11.88 -17.09
N ILE B 70 1.62 12.90 -16.64
CA ILE B 70 2.07 14.27 -16.89
C ILE B 70 3.29 14.60 -16.02
N ASP B 71 3.31 14.17 -14.76
CA ASP B 71 4.44 14.45 -13.89
C ASP B 71 4.97 13.17 -13.26
N ARG B 72 6.29 12.97 -13.33
CA ARG B 72 6.90 11.74 -12.82
C ARG B 72 7.50 11.89 -11.43
N ARG B 73 7.89 13.11 -11.03
CA ARG B 73 8.48 13.30 -9.71
C ARG B 73 7.48 13.05 -8.59
N ILE B 74 6.18 13.21 -8.85
CA ILE B 74 5.17 13.07 -7.80
C ILE B 74 4.02 12.22 -8.32
N ASN B 75 4.31 11.41 -9.35
CA ASN B 75 3.34 10.47 -9.91
C ASN B 75 1.99 11.11 -10.18
N LEU B 76 2.02 12.28 -10.83
CA LEU B 76 0.81 13.03 -11.14
C LEU B 76 0.31 12.57 -12.50
N LEU B 77 -0.79 11.81 -12.49
CA LEU B 77 -1.41 11.24 -13.68
C LEU B 77 -2.69 12.00 -14.02
N SER B 78 -3.03 12.01 -15.31
CA SER B 78 -4.22 12.71 -15.81
C SER B 78 -4.92 11.83 -16.84
N ARG B 79 -6.18 11.51 -16.59
CA ARG B 79 -6.99 10.70 -17.51
C ARG B 79 -7.79 11.59 -18.45
N VAL B 80 -7.56 11.45 -19.76
CA VAL B 80 -8.16 12.31 -20.77
C VAL B 80 -9.27 11.56 -21.49
N TYR B 81 -10.40 12.24 -21.70
CA TYR B 81 -11.53 11.71 -22.44
C TYR B 81 -11.90 12.68 -23.55
N ARG B 82 -12.43 12.14 -24.65
CA ARG B 82 -12.81 12.94 -25.80
C ARG B 82 -13.81 12.13 -26.62
N PRO B 83 -14.54 12.78 -27.54
CA PRO B 83 -15.52 12.04 -28.35
C PRO B 83 -14.88 11.18 -29.40
N ALA B 84 -15.60 10.14 -29.81
CA ALA B 84 -15.09 9.24 -30.84
C ALA B 84 -14.99 9.98 -32.17
N TYR B 85 -14.10 9.51 -33.03
CA TYR B 85 -13.80 10.20 -34.27
C TYR B 85 -14.82 9.84 -35.34
N ALA B 86 -15.36 10.84 -36.02
CA ALA B 86 -16.35 10.61 -37.06
C ALA B 86 -15.69 10.09 -38.35
N ASP B 87 -14.57 10.69 -38.74
CA ASP B 87 -13.90 10.35 -39.99
C ASP B 87 -13.07 9.07 -39.91
N GLN B 88 -13.05 8.39 -38.77
CA GLN B 88 -12.26 7.18 -38.60
C GLN B 88 -13.20 6.03 -38.27
N GLU B 89 -13.40 5.13 -39.24
CA GLU B 89 -14.22 3.94 -38.98
C GLU B 89 -13.47 2.96 -38.08
N GLN B 90 -12.18 2.77 -38.32
CA GLN B 90 -11.37 1.91 -37.47
C GLN B 90 -11.12 2.61 -36.13
N PRO B 91 -10.89 1.83 -35.06
CA PRO B 91 -10.57 2.43 -33.77
C PRO B 91 -9.32 3.27 -33.85
N PRO B 92 -9.28 4.40 -33.13
CA PRO B 92 -8.10 5.27 -33.18
C PRO B 92 -6.87 4.52 -32.73
N SER B 93 -5.76 4.71 -33.44
CA SER B 93 -4.53 4.09 -32.99
C SER B 93 -3.87 4.97 -31.92
N ILE B 94 -2.83 4.41 -31.30
CA ILE B 94 -2.03 5.16 -30.33
C ILE B 94 -1.53 6.47 -30.93
N LEU B 95 -1.14 6.45 -32.20
CA LEU B 95 -0.68 7.68 -32.84
C LEU B 95 -1.82 8.67 -32.98
N ASP B 96 -3.02 8.19 -33.32
CA ASP B 96 -4.16 9.06 -33.56
C ASP B 96 -4.83 9.55 -32.28
N LEU B 97 -4.42 9.05 -31.12
CA LEU B 97 -5.10 9.43 -29.88
C LEU B 97 -4.98 10.92 -29.61
N GLU B 98 -3.80 11.51 -29.83
CA GLU B 98 -3.59 12.93 -29.58
C GLU B 98 -3.65 13.77 -30.84
N LYS B 99 -4.44 13.38 -31.84
CA LYS B 99 -4.58 14.24 -33.01
C LYS B 99 -5.37 15.49 -32.62
N PRO B 100 -5.03 16.65 -33.19
CA PRO B 100 -5.78 17.87 -32.85
C PRO B 100 -7.26 17.74 -33.18
N VAL B 101 -8.07 18.37 -32.32
CA VAL B 101 -9.52 18.32 -32.45
C VAL B 101 -9.99 19.16 -33.63
N ASP B 102 -11.14 18.77 -34.19
CA ASP B 102 -11.75 19.44 -35.33
C ASP B 102 -12.95 20.25 -34.85
N GLY B 103 -12.97 21.53 -35.21
CA GLY B 103 -14.03 22.43 -34.82
C GLY B 103 -13.43 23.77 -34.46
N ASP B 104 -14.22 24.83 -34.60
CA ASP B 104 -13.74 26.17 -34.30
C ASP B 104 -13.44 26.33 -32.80
N ILE B 105 -14.43 26.08 -31.96
CA ILE B 105 -14.28 26.17 -30.51
C ILE B 105 -14.51 24.81 -29.87
N VAL B 106 -13.52 24.35 -29.10
CA VAL B 106 -13.63 23.07 -28.40
C VAL B 106 -13.32 23.29 -26.92
N PRO B 107 -14.29 23.17 -26.03
CA PRO B 107 -14.04 23.39 -24.60
C PRO B 107 -13.22 22.25 -24.00
N VAL B 108 -12.48 22.57 -22.94
CA VAL B 108 -11.71 21.59 -22.18
C VAL B 108 -12.06 21.76 -20.71
N ILE B 109 -12.81 20.81 -20.17
CA ILE B 109 -13.22 20.78 -18.77
C ILE B 109 -12.15 20.06 -17.97
N LEU B 110 -11.47 20.78 -17.08
CA LEU B 110 -10.50 20.19 -16.16
C LEU B 110 -11.25 19.88 -14.86
N PHE B 111 -11.44 18.61 -14.58
CA PHE B 111 -12.33 18.13 -13.52
C PHE B 111 -11.58 17.65 -12.28
N PHE B 112 -12.09 18.02 -11.11
CA PHE B 112 -11.60 17.51 -9.84
C PHE B 112 -12.73 16.81 -9.08
N HIS B 113 -12.47 15.55 -8.71
CA HIS B 113 -13.43 14.70 -8.04
C HIS B 113 -13.51 14.99 -6.55
N GLY B 114 -14.60 14.51 -5.93
CA GLY B 114 -14.83 14.70 -4.51
C GLY B 114 -14.28 13.56 -3.67
N GLY B 115 -14.45 13.70 -2.36
CA GLY B 115 -14.08 12.65 -1.43
C GLY B 115 -13.42 13.16 -0.17
N SER B 116 -13.70 14.42 0.17
CA SER B 116 -13.15 15.10 1.35
C SER B 116 -11.65 14.84 1.51
N PHE B 117 -10.93 15.07 0.42
CA PHE B 117 -9.47 14.91 0.36
C PHE B 117 -9.02 13.55 0.90
N ALA B 118 -9.87 12.53 0.80
CA ALA B 118 -9.61 11.30 1.53
C ALA B 118 -10.02 10.04 0.79
N HIS B 119 -11.07 10.11 -0.01
CA HIS B 119 -11.58 8.93 -0.70
C HIS B 119 -11.54 9.11 -2.22
N SER B 120 -11.73 7.99 -2.92
CA SER B 120 -11.83 7.90 -4.37
C SER B 120 -10.56 8.33 -5.11
N SER B 121 -10.59 8.21 -6.43
CA SER B 121 -9.46 8.56 -7.28
C SER B 121 -10.00 8.92 -8.67
N ALA B 122 -9.10 9.39 -9.52
CA ALA B 122 -9.51 9.80 -10.87
C ALA B 122 -10.01 8.62 -11.68
N ASN B 123 -9.40 7.44 -11.53
CA ASN B 123 -9.82 6.26 -12.24
C ASN B 123 -10.90 5.47 -11.48
N SER B 124 -11.54 6.10 -10.51
CA SER B 124 -12.69 5.49 -9.85
C SER B 124 -13.90 5.51 -10.78
N ALA B 125 -14.72 4.47 -10.70
CA ALA B 125 -15.79 4.30 -11.68
C ALA B 125 -16.88 5.35 -11.50
N ILE B 126 -17.17 5.75 -10.26
CA ILE B 126 -18.24 6.72 -10.03
C ILE B 126 -17.92 8.05 -10.70
N TYR B 127 -16.64 8.34 -10.90
CA TYR B 127 -16.23 9.58 -11.57
C TYR B 127 -15.87 9.36 -13.03
N ASP B 128 -15.43 8.15 -13.39
CA ASP B 128 -15.28 7.82 -14.80
C ASP B 128 -16.61 7.93 -15.54
N THR B 129 -17.67 7.39 -14.96
CA THR B 129 -18.99 7.50 -15.58
C THR B 129 -19.44 8.95 -15.68
N LEU B 130 -19.19 9.73 -14.63
CA LEU B 130 -19.58 11.14 -14.65
C LEU B 130 -18.83 11.91 -15.73
N CYS B 131 -17.52 11.66 -15.87
CA CYS B 131 -16.74 12.33 -16.92
C CYS B 131 -17.20 11.89 -18.30
N ARG B 132 -17.51 10.60 -18.48
CA ARG B 132 -18.02 10.15 -19.77
C ARG B 132 -19.35 10.81 -20.12
N ARG B 133 -20.25 10.92 -19.15
CA ARG B 133 -21.51 11.61 -19.39
C ARG B 133 -21.30 13.09 -19.68
N LEU B 134 -20.36 13.71 -18.98
CA LEU B 134 -20.03 15.11 -19.27
C LEU B 134 -19.54 15.28 -20.69
N VAL B 135 -18.65 14.39 -21.14
CA VAL B 135 -18.16 14.45 -22.51
C VAL B 135 -19.32 14.25 -23.49
N GLY B 136 -20.19 13.28 -23.21
CA GLY B 136 -21.28 12.98 -24.14
C GLY B 136 -22.26 14.13 -24.30
N LEU B 137 -22.69 14.72 -23.18
CA LEU B 137 -23.69 15.78 -23.27
C LEU B 137 -23.08 17.15 -23.60
N CYS B 138 -21.94 17.48 -23.02
CA CYS B 138 -21.31 18.78 -23.29
C CYS B 138 -20.57 18.81 -24.62
N LYS B 139 -20.17 17.65 -25.14
CA LYS B 139 -19.42 17.53 -26.40
C LYS B 139 -18.12 18.34 -26.34
N CYS B 140 -17.18 17.82 -25.55
CA CYS B 140 -15.89 18.48 -25.37
C CYS B 140 -14.93 17.51 -24.68
N VAL B 141 -13.66 17.92 -24.61
CA VAL B 141 -12.60 17.15 -23.97
C VAL B 141 -12.66 17.33 -22.47
N VAL B 142 -12.29 16.29 -21.73
CA VAL B 142 -12.32 16.33 -20.27
C VAL B 142 -11.03 15.70 -19.72
N VAL B 143 -10.34 16.43 -18.85
CA VAL B 143 -9.10 15.96 -18.23
C VAL B 143 -9.35 15.80 -16.73
N SER B 144 -9.17 14.58 -16.23
CA SER B 144 -9.35 14.26 -14.81
C SER B 144 -7.98 14.20 -14.14
N VAL B 145 -7.78 15.06 -13.14
CA VAL B 145 -6.52 15.13 -12.40
C VAL B 145 -6.57 14.22 -11.19
N ASN B 146 -5.45 13.56 -10.92
CA ASN B 146 -5.29 12.66 -9.78
C ASN B 146 -4.33 13.30 -8.79
N TYR B 147 -4.87 14.18 -7.94
CA TYR B 147 -4.06 14.85 -6.94
C TYR B 147 -3.80 13.92 -5.75
N ARG B 148 -2.86 14.32 -4.91
CA ARG B 148 -2.49 13.54 -3.74
C ARG B 148 -3.50 13.74 -2.61
N ARG B 149 -3.58 12.74 -1.73
CA ARG B 149 -4.66 12.63 -0.76
C ARG B 149 -4.12 12.67 0.67
N ALA B 150 -4.50 13.72 1.40
CA ALA B 150 -4.33 13.76 2.85
C ALA B 150 -5.04 12.58 3.49
N PRO B 151 -4.61 12.15 4.70
CA PRO B 151 -3.66 12.78 5.63
C PRO B 151 -2.20 12.38 5.45
N GLU B 152 -1.90 11.41 4.58
CA GLU B 152 -0.50 11.11 4.29
C GLU B 152 0.21 12.29 3.65
N ASN B 153 -0.50 13.11 2.88
CA ASN B 153 0.08 14.28 2.24
C ASN B 153 -0.85 15.47 2.40
N PRO B 154 -0.70 16.21 3.50
CA PRO B 154 -1.58 17.38 3.74
C PRO B 154 -1.28 18.61 2.89
N TYR B 155 -1.96 19.69 3.26
CA TYR B 155 -1.85 21.00 2.62
C TYR B 155 -0.38 21.40 2.43
N PRO B 156 -0.03 22.05 1.30
CA PRO B 156 -0.90 22.38 0.16
C PRO B 156 -0.66 21.55 -1.11
N CYS B 157 -0.52 20.22 -1.01
CA CYS B 157 -0.12 19.44 -2.18
C CYS B 157 -1.21 19.36 -3.25
N ALA B 158 -2.49 19.50 -2.85
CA ALA B 158 -3.56 19.37 -3.83
C ALA B 158 -3.58 20.56 -4.78
N TYR B 159 -3.41 21.78 -4.24
CA TYR B 159 -3.49 22.94 -5.09
C TYR B 159 -2.30 22.96 -6.04
N ASP B 160 -1.14 22.50 -5.58
CA ASP B 160 0.03 22.38 -6.44
C ASP B 160 -0.21 21.38 -7.56
N ASP B 161 -0.82 20.24 -7.25
CA ASP B 161 -1.11 19.26 -8.31
C ASP B 161 -2.10 19.83 -9.32
N GLY B 162 -3.11 20.53 -8.84
CA GLY B 162 -4.05 21.18 -9.74
C GLY B 162 -3.37 22.21 -10.63
N TRP B 163 -2.48 23.02 -10.06
CA TRP B 163 -1.77 24.04 -10.83
C TRP B 163 -0.88 23.42 -11.88
N ILE B 164 -0.18 22.34 -11.53
CA ILE B 164 0.69 21.67 -12.50
C ILE B 164 -0.13 21.07 -13.63
N ALA B 165 -1.27 20.43 -13.31
CA ALA B 165 -2.12 19.87 -14.36
C ALA B 165 -2.68 20.97 -15.25
N LEU B 166 -3.06 22.11 -14.65
CA LEU B 166 -3.53 23.23 -15.45
C LEU B 166 -2.47 23.73 -16.41
N ASN B 167 -1.23 23.85 -15.91
CA ASN B 167 -0.12 24.26 -16.78
C ASN B 167 0.08 23.28 -17.91
N TRP B 168 0.02 21.97 -17.62
CA TRP B 168 0.18 20.98 -18.66
C TRP B 168 -0.93 21.07 -19.70
N VAL B 169 -2.18 21.24 -19.26
CA VAL B 169 -3.29 21.35 -20.21
C VAL B 169 -3.14 22.60 -21.08
N ASN B 170 -2.77 23.72 -20.47
CA ASN B 170 -2.65 24.96 -21.25
C ASN B 170 -1.48 24.90 -22.21
N SER B 171 -0.44 24.14 -21.87
CA SER B 171 0.79 24.11 -22.66
C SER B 171 0.70 23.20 -23.87
N ARG B 172 -0.42 22.51 -24.06
CA ARG B 172 -0.55 21.56 -25.15
C ARG B 172 -0.79 22.29 -26.46
N SER B 173 -0.66 21.56 -27.56
CA SER B 173 -0.86 22.09 -28.90
C SER B 173 -2.02 21.44 -29.63
N TRP B 174 -2.15 20.12 -29.52
CA TRP B 174 -3.27 19.41 -30.13
C TRP B 174 -4.61 19.75 -29.50
N LEU B 175 -4.61 20.47 -28.39
CA LEU B 175 -5.84 20.95 -27.74
C LEU B 175 -5.83 22.47 -27.88
N LYS B 176 -6.40 22.97 -28.96
CA LYS B 176 -6.39 24.41 -29.20
C LYS B 176 -7.67 24.80 -29.95
N SER B 177 -7.73 26.05 -30.41
CA SER B 177 -8.90 26.56 -31.11
C SER B 177 -8.50 27.26 -32.40
N LYS B 178 -9.32 27.09 -33.42
CA LYS B 178 -9.05 27.71 -34.73
C LYS B 178 -9.14 29.23 -34.68
N LYS B 179 -10.18 29.77 -34.03
CA LYS B 179 -10.45 31.20 -34.10
C LYS B 179 -9.40 32.05 -33.38
N ASP B 180 -8.85 31.57 -32.26
CA ASP B 180 -7.88 32.37 -31.53
C ASP B 180 -6.56 31.69 -31.21
N SER B 181 -6.36 30.45 -31.64
CA SER B 181 -5.14 29.70 -31.33
C SER B 181 -4.85 29.71 -29.83
N LYS B 182 -5.91 29.58 -29.04
CA LYS B 182 -5.84 29.53 -27.60
C LYS B 182 -6.74 28.40 -27.11
N VAL B 183 -6.54 27.99 -25.88
CA VAL B 183 -7.29 26.88 -25.29
C VAL B 183 -8.40 27.45 -24.44
N HIS B 184 -9.59 26.86 -24.55
CA HIS B 184 -10.78 27.34 -23.84
C HIS B 184 -11.03 26.40 -22.66
N ILE B 185 -10.45 26.78 -21.52
CA ILE B 185 -10.38 25.93 -20.34
C ILE B 185 -11.48 26.33 -19.36
N PHE B 186 -12.28 25.37 -18.93
CA PHE B 186 -13.22 25.54 -17.84
C PHE B 186 -12.80 24.64 -16.70
N LEU B 187 -12.77 25.18 -15.48
CA LEU B 187 -12.42 24.38 -14.31
C LEU B 187 -13.70 23.88 -13.68
N ALA B 188 -13.72 22.61 -13.29
CA ALA B 188 -14.90 22.03 -12.68
C ALA B 188 -14.48 21.15 -11.51
N GLY B 189 -15.42 20.95 -10.59
CA GLY B 189 -15.10 20.11 -9.46
C GLY B 189 -16.34 19.78 -8.67
N ASP B 190 -16.15 18.88 -7.70
CA ASP B 190 -17.26 18.48 -6.84
C ASP B 190 -16.74 18.14 -5.46
N SER B 191 -17.49 18.57 -4.44
CA SER B 191 -17.19 18.35 -3.03
C SER B 191 -15.86 19.02 -2.68
N SER B 192 -14.81 18.23 -2.50
CA SER B 192 -13.49 18.82 -2.27
C SER B 192 -12.92 19.40 -3.55
N GLY B 193 -13.27 18.81 -4.69
CA GLY B 193 -12.80 19.33 -5.95
C GLY B 193 -13.30 20.72 -6.25
N GLY B 194 -14.43 21.11 -5.67
CA GLY B 194 -14.88 22.49 -5.80
C GLY B 194 -13.91 23.45 -5.13
N ASN B 195 -13.47 23.10 -3.91
CA ASN B 195 -12.48 23.91 -3.21
C ASN B 195 -11.16 23.95 -3.98
N ILE B 196 -10.72 22.80 -4.51
CA ILE B 196 -9.48 22.80 -5.27
C ILE B 196 -9.60 23.66 -6.52
N ALA B 197 -10.73 23.55 -7.23
CA ALA B 197 -10.92 24.35 -8.43
C ALA B 197 -10.93 25.84 -8.10
N HIS B 198 -11.59 26.21 -7.01
CA HIS B 198 -11.62 27.61 -6.61
C HIS B 198 -10.21 28.12 -6.33
N ASN B 199 -9.41 27.35 -5.59
CA ASN B 199 -8.07 27.82 -5.26
C ASN B 199 -7.16 27.88 -6.49
N VAL B 200 -7.25 26.89 -7.39
CA VAL B 200 -6.41 26.93 -8.59
C VAL B 200 -6.84 28.08 -9.51
N ALA B 201 -8.15 28.35 -9.58
CA ALA B 201 -8.60 29.50 -10.36
C ALA B 201 -8.09 30.80 -9.76
N LEU B 202 -8.11 30.90 -8.43
CA LEU B 202 -7.54 32.08 -7.76
C LEU B 202 -6.06 32.22 -8.10
N ARG B 203 -5.31 31.12 -8.06
CA ARG B 203 -3.89 31.19 -8.40
C ARG B 203 -3.68 31.62 -9.85
N ALA B 204 -4.49 31.08 -10.77
CA ALA B 204 -4.36 31.45 -12.17
C ALA B 204 -4.75 32.89 -12.42
N GLY B 205 -5.62 33.45 -11.57
CA GLY B 205 -6.05 34.83 -11.76
C GLY B 205 -4.89 35.81 -11.78
N GLU B 206 -3.89 35.59 -10.93
CA GLU B 206 -2.75 36.48 -10.86
C GLU B 206 -1.49 35.76 -11.32
N SER B 207 -1.60 35.03 -12.43
CA SER B 207 -0.46 34.32 -13.00
C SER B 207 -0.34 34.46 -14.51
N GLY B 208 -1.42 34.76 -15.23
CA GLY B 208 -1.37 34.90 -16.67
C GLY B 208 -2.37 34.04 -17.40
N ILE B 209 -2.52 32.78 -16.95
CA ILE B 209 -3.48 31.88 -17.56
C ILE B 209 -4.90 32.44 -17.39
N ASP B 210 -5.62 32.54 -18.50
CA ASP B 210 -6.99 33.03 -18.47
C ASP B 210 -7.93 31.85 -18.38
N VAL B 211 -8.88 31.91 -17.45
CA VAL B 211 -9.84 30.84 -17.22
C VAL B 211 -11.22 31.34 -17.64
N LEU B 212 -11.97 30.48 -18.33
CA LEU B 212 -13.28 30.87 -18.82
C LEU B 212 -14.30 30.84 -17.69
N GLY B 213 -14.44 29.70 -17.01
CA GLY B 213 -15.40 29.64 -15.92
C GLY B 213 -15.12 28.50 -14.97
N ASN B 214 -15.98 28.40 -13.96
CA ASN B 214 -15.88 27.41 -12.90
C ASN B 214 -17.22 26.70 -12.74
N ILE B 215 -17.16 25.42 -12.39
CA ILE B 215 -18.36 24.61 -12.19
C ILE B 215 -18.24 23.92 -10.84
N LEU B 216 -18.60 24.63 -9.77
CA LEU B 216 -18.55 24.09 -8.42
C LEU B 216 -19.80 23.27 -8.12
N LEU B 217 -19.60 21.99 -7.79
CA LEU B 217 -20.67 21.09 -7.40
C LEU B 217 -20.49 20.79 -5.92
N ASN B 218 -21.58 20.88 -5.13
CA ASN B 218 -21.61 20.74 -3.67
C ASN B 218 -20.29 21.10 -2.98
N PRO B 219 -19.67 22.27 -3.31
CA PRO B 219 -18.41 22.67 -2.65
C PRO B 219 -18.34 22.48 -1.14
N MET B 220 -17.11 22.35 -0.65
CA MET B 220 -16.80 22.06 0.77
C MET B 220 -16.08 23.26 1.38
N PHE B 221 -16.86 24.17 1.95
CA PHE B 221 -16.32 25.33 2.67
C PHE B 221 -16.75 25.25 4.13
N GLY B 222 -16.08 26.00 5.00
CA GLY B 222 -16.52 25.97 6.39
C GLY B 222 -15.90 27.06 7.22
N GLY B 223 -16.25 27.02 8.51
CA GLY B 223 -15.76 27.97 9.49
C GLY B 223 -15.86 27.38 10.88
N ASN B 224 -15.65 28.23 11.89
CA ASN B 224 -15.71 27.77 13.28
C ASN B 224 -17.13 27.84 13.83
N GLU B 225 -17.78 28.99 13.72
CA GLU B 225 -19.14 29.19 14.20
C GLU B 225 -20.14 28.30 13.49
N ARG B 226 -20.68 27.34 14.22
CA ARG B 226 -21.71 26.43 13.75
C ARG B 226 -22.88 27.22 13.18
N THR B 227 -23.12 27.10 11.87
CA THR B 227 -24.27 27.72 11.22
C THR B 227 -25.57 27.13 11.75
N GLU B 228 -26.69 27.53 11.15
CA GLU B 228 -28.01 27.09 11.62
C GLU B 228 -28.55 25.90 10.86
N SER B 229 -27.79 25.33 9.94
CA SER B 229 -28.21 24.13 9.21
C SER B 229 -27.46 22.90 9.68
N GLU B 230 -26.51 23.05 10.59
CA GLU B 230 -25.73 21.93 11.09
C GLU B 230 -26.43 21.23 12.25
N LYS B 231 -27.04 22.00 13.14
CA LYS B 231 -27.68 21.44 14.33
C LYS B 231 -28.83 20.52 13.95
N SER B 232 -29.83 21.07 13.24
CA SER B 232 -31.02 20.30 12.90
C SER B 232 -30.70 19.13 11.96
N LEU B 233 -29.96 19.40 10.88
CA LEU B 233 -29.64 18.41 9.86
C LEU B 233 -28.60 17.37 10.31
N ASP B 234 -28.11 17.44 11.53
CA ASP B 234 -27.03 16.55 11.97
C ASP B 234 -27.51 15.11 12.01
N GLY B 235 -26.93 14.26 11.17
CA GLY B 235 -27.29 12.86 11.11
C GLY B 235 -28.70 12.64 10.59
N LYS B 236 -28.98 13.16 9.40
CA LYS B 236 -30.30 13.03 8.80
C LYS B 236 -30.23 12.61 7.34
N TYR B 237 -29.27 13.14 6.60
CA TYR B 237 -29.11 12.82 5.19
C TYR B 237 -27.72 12.27 4.87
N PHE B 238 -27.33 11.20 5.57
CA PHE B 238 -26.04 10.55 5.40
C PHE B 238 -24.87 11.53 5.44
N VAL B 239 -24.89 12.40 6.46
CA VAL B 239 -23.86 13.43 6.67
C VAL B 239 -23.96 13.88 8.12
N THR B 240 -22.84 13.80 8.84
CA THR B 240 -22.79 14.19 10.24
C THR B 240 -21.76 15.31 10.40
N VAL B 241 -21.68 15.86 11.61
CA VAL B 241 -20.68 16.88 11.86
C VAL B 241 -19.36 16.31 12.40
N ARG B 242 -19.40 15.17 13.09
CA ARG B 242 -18.16 14.56 13.56
C ARG B 242 -17.19 14.36 12.38
N ASP B 243 -17.71 13.85 11.27
CA ASP B 243 -16.89 13.65 10.09
C ASP B 243 -16.43 14.99 9.54
N ARG B 244 -17.31 15.99 9.59
CA ARG B 244 -16.97 17.32 9.09
C ARG B 244 -15.79 17.93 9.85
N ASP B 245 -15.54 17.50 11.09
CA ASP B 245 -14.37 17.96 11.83
C ASP B 245 -13.18 17.05 11.58
N TRP B 246 -13.38 15.74 11.50
CA TRP B 246 -12.25 14.85 11.25
C TRP B 246 -11.59 15.16 9.91
N TYR B 247 -12.39 15.38 8.87
CA TYR B 247 -11.81 15.64 7.55
C TYR B 247 -11.05 16.96 7.50
N TRP B 248 -11.58 18.00 8.15
CA TRP B 248 -10.87 19.28 8.19
C TRP B 248 -9.64 19.22 9.07
N LYS B 249 -9.66 18.40 10.12
CA LYS B 249 -8.49 18.28 10.99
C LYS B 249 -7.37 17.51 10.30
N ALA B 250 -7.72 16.47 9.54
CA ALA B 250 -6.74 15.66 8.84
C ALA B 250 -6.19 16.32 7.58
N PHE B 251 -6.72 17.48 7.19
CA PHE B 251 -6.25 18.18 6.01
C PHE B 251 -5.42 19.41 6.36
N LEU B 252 -5.96 20.32 7.17
CA LEU B 252 -5.24 21.52 7.55
C LEU B 252 -4.03 21.17 8.38
N PRO B 253 -3.05 22.09 8.48
CA PRO B 253 -1.85 21.79 9.27
C PRO B 253 -2.16 21.76 10.76
N GLU B 254 -1.59 20.76 11.43
CA GLU B 254 -1.76 20.61 12.88
C GLU B 254 -1.53 21.95 13.58
N GLY B 255 -2.47 22.31 14.46
CA GLY B 255 -2.39 23.56 15.17
C GLY B 255 -3.04 24.69 14.39
N GLU B 256 -4.15 24.40 13.75
CA GLU B 256 -4.87 25.39 12.95
C GLU B 256 -6.36 25.13 13.06
N ASP B 257 -7.13 26.22 13.03
CA ASP B 257 -8.57 26.18 13.12
C ASP B 257 -9.19 26.19 11.72
N ARG B 258 -10.52 26.29 11.67
CA ARG B 258 -11.25 26.29 10.41
C ARG B 258 -11.36 27.67 9.76
N GLU B 259 -10.81 28.71 10.38
CA GLU B 259 -10.72 30.03 9.77
C GLU B 259 -9.51 30.19 8.88
N HIS B 260 -8.78 29.11 8.59
CA HIS B 260 -7.68 29.19 7.65
C HIS B 260 -8.25 29.62 6.31
N PRO B 261 -7.43 30.16 5.41
CA PRO B 261 -7.99 30.64 4.14
C PRO B 261 -8.40 29.52 3.21
N ALA B 262 -7.72 28.37 3.25
CA ALA B 262 -8.14 27.25 2.42
C ALA B 262 -9.49 26.69 2.86
N CYS B 263 -9.86 26.88 4.13
CA CYS B 263 -11.17 26.45 4.60
C CYS B 263 -12.24 27.52 4.46
N ASN B 264 -11.88 28.79 4.64
CA ASN B 264 -12.83 29.89 4.54
C ASN B 264 -12.16 31.04 3.81
N PRO B 265 -12.38 31.18 2.49
CA PRO B 265 -11.77 32.29 1.76
C PRO B 265 -12.23 33.65 2.23
N PHE B 266 -13.50 33.76 2.63
CA PHE B 266 -14.05 35.04 3.11
C PHE B 266 -13.79 35.21 4.60
N SER B 267 -12.50 35.18 4.95
CA SER B 267 -12.02 35.31 6.31
C SER B 267 -11.25 36.62 6.47
N PRO B 268 -11.05 37.10 7.69
CA PRO B 268 -10.29 38.34 7.87
C PRO B 268 -8.85 38.23 7.39
N ARG B 269 -8.28 37.02 7.38
CA ARG B 269 -6.93 36.81 6.89
C ARG B 269 -6.87 36.53 5.39
N GLY B 270 -8.01 36.26 4.76
CA GLY B 270 -8.02 36.02 3.33
C GLY B 270 -8.03 37.32 2.54
N LYS B 271 -7.47 37.26 1.34
CA LYS B 271 -7.41 38.43 0.49
C LYS B 271 -8.77 38.68 -0.16
N SER B 272 -9.12 39.96 -0.30
CA SER B 272 -10.40 40.32 -0.87
C SER B 272 -10.43 40.01 -2.36
N LEU B 273 -11.57 39.47 -2.82
CA LEU B 273 -11.73 39.17 -4.24
C LEU B 273 -11.96 40.41 -5.09
N GLU B 274 -12.33 41.53 -4.47
CA GLU B 274 -12.53 42.77 -5.22
C GLU B 274 -11.19 43.36 -5.62
N GLY B 275 -11.07 43.76 -6.89
CA GLY B 275 -9.84 44.29 -7.42
C GLY B 275 -8.98 43.29 -8.16
N VAL B 276 -9.32 42.01 -8.10
CA VAL B 276 -8.59 40.96 -8.78
C VAL B 276 -9.51 40.31 -9.79
N SER B 277 -8.90 39.67 -10.80
CA SER B 277 -9.66 39.03 -11.86
C SER B 277 -10.08 37.63 -11.44
N PHE B 278 -11.35 37.30 -11.66
CA PHE B 278 -11.93 36.01 -11.35
C PHE B 278 -12.93 35.73 -12.47
N PRO B 279 -13.08 34.48 -12.88
CA PRO B 279 -14.02 34.17 -13.95
C PRO B 279 -15.42 33.87 -13.43
N LYS B 280 -16.34 33.68 -14.38
CA LYS B 280 -17.72 33.35 -14.05
C LYS B 280 -17.78 31.96 -13.45
N SER B 281 -18.81 31.71 -12.65
CA SER B 281 -18.87 30.44 -11.96
C SER B 281 -20.30 29.99 -11.76
N LEU B 282 -20.46 28.67 -11.64
CA LEU B 282 -21.75 28.00 -11.49
C LEU B 282 -21.72 27.22 -10.18
N VAL B 283 -22.42 27.71 -9.18
CA VAL B 283 -22.43 27.12 -7.84
C VAL B 283 -23.72 26.31 -7.71
N VAL B 284 -23.60 24.99 -7.60
CA VAL B 284 -24.75 24.13 -7.39
C VAL B 284 -24.84 23.78 -5.91
N VAL B 285 -26.01 24.02 -5.31
CA VAL B 285 -26.21 23.85 -3.88
C VAL B 285 -27.43 22.96 -3.65
N ALA B 286 -27.23 21.86 -2.95
CA ALA B 286 -28.31 20.97 -2.55
C ALA B 286 -28.91 21.45 -1.23
N GLY B 287 -30.24 21.65 -1.22
CA GLY B 287 -30.88 22.20 -0.05
C GLY B 287 -30.86 21.30 1.17
N LEU B 288 -30.92 19.99 0.97
CA LEU B 288 -31.05 19.05 2.07
C LEU B 288 -29.70 18.53 2.58
N ASP B 289 -28.60 19.11 2.13
CA ASP B 289 -27.30 18.72 2.66
C ASP B 289 -27.01 19.49 3.94
N LEU B 290 -26.20 18.87 4.80
CA LEU B 290 -25.87 19.46 6.09
C LEU B 290 -25.21 20.82 5.92
N ILE B 291 -24.36 20.95 4.91
CA ILE B 291 -23.61 22.17 4.63
C ILE B 291 -24.37 23.06 3.65
N ARG B 292 -25.58 23.49 4.01
CA ARG B 292 -26.34 24.35 3.11
C ARG B 292 -26.15 25.84 3.41
N ASP B 293 -25.83 26.20 4.66
CA ASP B 293 -25.63 27.59 5.02
C ASP B 293 -24.28 28.14 4.58
N TRP B 294 -23.29 27.27 4.38
CA TRP B 294 -21.97 27.72 3.96
C TRP B 294 -21.87 27.91 2.46
N GLN B 295 -22.31 26.92 1.68
CA GLN B 295 -22.24 27.04 0.23
C GLN B 295 -22.97 28.29 -0.25
N LEU B 296 -24.17 28.53 0.28
CA LEU B 296 -24.92 29.71 -0.12
C LEU B 296 -24.18 30.98 0.31
N ALA B 297 -23.57 30.95 1.49
CA ALA B 297 -22.81 32.12 1.93
C ALA B 297 -21.65 32.37 0.99
N TYR B 298 -21.05 31.30 0.48
CA TYR B 298 -19.96 31.44 -0.47
C TYR B 298 -20.46 32.18 -1.71
N ALA B 299 -21.64 31.83 -2.20
CA ALA B 299 -22.18 32.51 -3.36
C ALA B 299 -22.39 33.99 -3.07
N GLU B 300 -22.92 34.31 -1.89
CA GLU B 300 -23.13 35.70 -1.53
C GLU B 300 -21.81 36.45 -1.44
N GLY B 301 -20.75 35.79 -0.98
CA GLY B 301 -19.46 36.47 -0.95
C GLY B 301 -19.01 36.84 -2.34
N LEU B 302 -19.27 35.97 -3.32
CA LEU B 302 -19.04 36.34 -4.71
C LEU B 302 -19.93 37.49 -5.14
N LYS B 303 -21.21 37.44 -4.75
CA LYS B 303 -22.17 38.45 -5.21
C LYS B 303 -21.78 39.84 -4.72
N LYS B 304 -21.33 39.95 -3.48
CA LYS B 304 -20.88 41.25 -3.01
C LYS B 304 -19.47 41.58 -3.46
N ALA B 305 -18.70 40.58 -3.92
CA ALA B 305 -17.35 40.86 -4.42
C ALA B 305 -17.35 41.48 -5.80
N GLY B 306 -18.49 41.51 -6.50
CA GLY B 306 -18.56 42.08 -7.83
C GLY B 306 -18.37 41.11 -8.97
N GLN B 307 -18.41 39.80 -8.71
CA GLN B 307 -18.22 38.81 -9.76
C GLN B 307 -19.55 38.15 -10.12
N GLU B 308 -19.65 37.73 -11.38
CA GLU B 308 -20.85 37.07 -11.86
C GLU B 308 -20.95 35.64 -11.37
N VAL B 309 -22.14 35.25 -10.92
CA VAL B 309 -22.46 33.91 -10.41
C VAL B 309 -23.97 33.72 -10.58
N LYS B 310 -24.37 32.56 -11.07
CA LYS B 310 -25.78 32.19 -11.17
C LYS B 310 -26.02 31.10 -10.14
N LEU B 311 -26.89 31.37 -9.17
CA LEU B 311 -27.18 30.42 -8.10
C LEU B 311 -28.31 29.48 -8.50
N MET B 312 -28.10 28.19 -8.26
CA MET B 312 -29.05 27.11 -8.56
C MET B 312 -29.37 26.37 -7.26
N HIS B 313 -30.29 26.93 -6.49
CA HIS B 313 -30.69 26.32 -5.21
C HIS B 313 -31.70 25.22 -5.50
N LEU B 314 -31.32 23.97 -5.24
CA LEU B 314 -32.20 22.82 -5.45
C LEU B 314 -32.82 22.47 -4.10
N GLU B 315 -34.10 22.80 -3.95
CA GLU B 315 -34.75 22.69 -2.65
C GLU B 315 -34.97 21.26 -2.18
N LYS B 316 -34.83 20.26 -3.04
CA LYS B 316 -35.10 18.88 -2.65
C LYS B 316 -33.98 17.94 -3.07
N ALA B 317 -32.73 18.41 -3.06
CA ALA B 317 -31.60 17.59 -3.43
C ALA B 317 -30.66 17.39 -2.24
N THR B 318 -29.95 16.27 -2.26
CA THR B 318 -29.01 15.91 -1.22
C THR B 318 -27.64 15.66 -1.85
N VAL B 319 -26.72 15.13 -1.05
CA VAL B 319 -25.39 14.80 -1.54
C VAL B 319 -25.48 13.64 -2.52
N GLY B 320 -24.59 13.64 -3.51
CA GLY B 320 -24.54 12.54 -4.46
C GLY B 320 -25.68 12.49 -5.44
N PHE B 321 -26.30 13.64 -5.74
CA PHE B 321 -27.42 13.68 -6.67
C PHE B 321 -26.97 13.68 -8.12
N TYR B 322 -25.68 13.55 -8.39
CA TYR B 322 -25.16 13.54 -9.75
C TYR B 322 -24.39 12.25 -10.05
N LEU B 323 -24.85 11.14 -9.47
CA LEU B 323 -24.25 9.84 -9.71
C LEU B 323 -25.16 8.88 -10.45
N LEU B 324 -26.47 9.08 -10.39
CA LEU B 324 -27.43 8.23 -11.08
C LEU B 324 -28.39 9.10 -11.88
N PRO B 325 -28.83 8.63 -13.04
CA PRO B 325 -29.74 9.42 -13.89
C PRO B 325 -31.23 9.22 -13.62
N ASN B 326 -31.61 8.61 -12.50
CA ASN B 326 -33.00 8.23 -12.29
C ASN B 326 -33.81 9.29 -11.53
N ASN B 327 -33.31 10.51 -11.45
CA ASN B 327 -34.05 11.61 -10.82
C ASN B 327 -34.20 12.75 -11.82
N ASN B 328 -34.84 13.84 -11.38
CA ASN B 328 -35.07 14.99 -12.23
C ASN B 328 -34.01 16.06 -12.09
N HIS B 329 -33.32 16.12 -10.95
CA HIS B 329 -32.29 17.13 -10.75
C HIS B 329 -31.10 16.92 -11.70
N PHE B 330 -30.79 15.66 -11.99
CA PHE B 330 -29.67 15.30 -12.87
C PHE B 330 -29.80 15.98 -14.23
N HIS B 331 -30.91 15.76 -14.92
CA HIS B 331 -31.11 16.36 -16.22
C HIS B 331 -30.98 17.87 -16.14
N ASN B 332 -31.63 18.49 -15.15
CA ASN B 332 -31.56 19.93 -14.96
C ASN B 332 -30.13 20.44 -14.88
N VAL B 333 -29.35 19.93 -13.90
CA VAL B 333 -27.97 20.39 -13.75
C VAL B 333 -27.21 20.22 -15.06
N MET B 334 -27.30 19.02 -15.66
CA MET B 334 -26.59 18.79 -16.92
C MET B 334 -26.95 19.84 -17.96
N ASP B 335 -28.24 20.13 -18.13
CA ASP B 335 -28.66 21.13 -19.12
C ASP B 335 -28.04 22.49 -18.81
N GLU B 336 -28.03 22.89 -17.54
CA GLU B 336 -27.44 24.18 -17.19
C GLU B 336 -25.95 24.21 -17.52
N ILE B 337 -25.22 23.15 -17.19
CA ILE B 337 -23.80 23.16 -17.50
C ILE B 337 -23.56 23.16 -19.00
N SER B 338 -24.42 22.46 -19.75
CA SER B 338 -24.24 22.44 -21.21
C SER B 338 -24.48 23.82 -21.79
N ALA B 339 -25.44 24.57 -21.22
CA ALA B 339 -25.72 25.89 -21.71
C ALA B 339 -24.73 26.92 -21.19
N PHE B 340 -24.00 26.60 -20.12
CA PHE B 340 -23.01 27.49 -19.54
C PHE B 340 -21.61 27.28 -20.13
N VAL B 341 -21.37 26.11 -20.74
CA VAL B 341 -20.08 25.82 -21.33
C VAL B 341 -20.12 26.08 -22.83
N ASN B 342 -21.28 25.87 -23.44
CA ASN B 342 -21.44 26.10 -24.88
C ASN B 342 -22.08 27.43 -25.19
N ALA B 343 -22.00 28.40 -24.26
CA ALA B 343 -22.57 29.71 -24.47
C ALA B 343 -21.71 30.54 -25.41
N ASN C 52 34.07 3.66 34.78
CA ASN C 52 34.44 2.45 35.49
C ASN C 52 33.22 1.55 35.69
N LEU C 53 32.27 1.65 34.78
CA LEU C 53 31.06 0.84 34.86
C LEU C 53 31.36 -0.63 34.58
N ASP C 54 30.53 -1.50 35.13
CA ASP C 54 30.65 -2.94 34.94
C ASP C 54 29.78 -3.33 33.74
N GLU C 55 29.48 -4.62 33.59
CA GLU C 55 28.67 -5.09 32.48
C GLU C 55 27.17 -5.15 32.79
N ASN C 56 26.81 -5.81 33.91
CA ASN C 56 25.40 -5.95 34.27
C ASN C 56 24.68 -4.62 34.36
N LEU C 57 25.29 -3.62 34.99
CA LEU C 57 24.62 -2.32 35.13
C LEU C 57 24.42 -1.64 33.78
N VAL C 58 25.35 -1.81 32.84
CA VAL C 58 25.16 -1.25 31.52
C VAL C 58 23.92 -1.85 30.86
N TYR C 59 23.74 -3.16 31.01
CA TYR C 59 22.54 -3.80 30.48
C TYR C 59 21.28 -3.29 31.18
N GLU C 60 21.35 -3.10 32.49
CA GLU C 60 20.20 -2.58 33.23
C GLU C 60 19.82 -1.18 32.75
N VAL C 61 20.83 -0.33 32.52
CA VAL C 61 20.57 1.02 32.03
C VAL C 61 19.97 0.98 30.62
N LEU C 62 20.60 0.22 29.71
CA LEU C 62 20.19 0.19 28.32
C LEU C 62 18.91 -0.61 28.06
N LYS C 63 18.39 -1.34 29.05
CA LYS C 63 17.10 -2.01 28.85
C LYS C 63 15.99 -1.04 28.48
N HIS C 64 16.05 0.21 28.95
CA HIS C 64 14.96 1.15 28.81
C HIS C 64 15.21 2.23 27.77
N VAL C 65 16.18 2.04 26.88
CA VAL C 65 16.49 3.01 25.86
C VAL C 65 15.82 2.60 24.55
N ASP C 66 15.58 3.58 23.69
CA ASP C 66 14.93 3.36 22.40
C ASP C 66 15.91 2.73 21.40
N ALA C 67 15.34 2.24 20.30
CA ALA C 67 16.12 1.58 19.27
C ALA C 67 17.21 2.47 18.68
N LYS C 68 16.82 3.59 18.08
CA LYS C 68 17.79 4.50 17.46
C LYS C 68 18.88 4.91 18.44
N THR C 69 18.52 5.21 19.69
CA THR C 69 19.52 5.60 20.66
C THR C 69 20.46 4.45 21.01
N LEU C 70 19.93 3.22 21.09
CA LEU C 70 20.79 2.08 21.36
C LEU C 70 21.75 1.82 20.20
N ALA C 71 21.27 1.99 18.97
CA ALA C 71 22.14 1.86 17.82
C ALA C 71 23.25 2.91 17.83
N MET C 72 22.91 4.15 18.19
CA MET C 72 23.93 5.18 18.31
C MET C 72 24.92 4.86 19.42
N SER C 73 24.42 4.38 20.56
CA SER C 73 25.26 4.03 21.70
C SER C 73 26.15 2.82 21.43
N SER C 74 25.81 1.99 20.45
CA SER C 74 26.65 0.84 20.13
C SER C 74 28.03 1.21 19.60
N CYS C 75 28.25 2.46 19.20
CA CYS C 75 29.51 2.85 18.58
C CYS C 75 30.39 3.70 19.51
N VAL C 76 30.04 3.81 20.78
CA VAL C 76 30.79 4.69 21.68
C VAL C 76 32.06 4.01 22.19
N SER C 77 31.96 2.78 22.68
CA SER C 77 33.10 2.13 23.34
C SER C 77 32.98 0.62 23.18
N LYS C 78 33.99 -0.09 23.68
CA LYS C 78 34.00 -1.55 23.56
C LYS C 78 32.96 -2.23 24.44
N ILE C 79 32.95 -1.92 25.74
CA ILE C 79 31.99 -2.55 26.64
C ILE C 79 30.56 -2.29 26.19
N TRP C 80 30.27 -1.05 25.76
CA TRP C 80 28.94 -0.75 25.25
C TRP C 80 28.65 -1.49 23.94
N HIS C 81 29.65 -1.62 23.06
CA HIS C 81 29.43 -2.38 21.84
C HIS C 81 29.09 -3.83 22.16
N LYS C 82 29.84 -4.44 23.09
CA LYS C 82 29.59 -5.81 23.48
C LYS C 82 28.20 -5.98 24.08
N THR C 83 27.79 -5.03 24.93
CA THR C 83 26.45 -5.07 25.50
C THR C 83 25.36 -4.86 24.47
N ALA C 84 25.67 -4.20 23.35
CA ALA C 84 24.62 -3.89 22.39
C ALA C 84 24.09 -5.12 21.65
N GLN C 85 24.91 -6.14 21.37
CA GLN C 85 24.35 -7.26 20.62
C GLN C 85 23.58 -8.29 21.46
N ASP C 86 23.47 -8.15 22.78
CA ASP C 86 22.64 -9.11 23.52
C ASP C 86 21.22 -9.14 22.97
N GLU C 87 20.85 -10.29 22.39
CA GLU C 87 19.60 -10.45 21.65
C GLU C 87 18.37 -10.11 22.48
N ARG C 88 18.47 -10.09 23.82
CA ARG C 88 17.31 -9.74 24.63
C ARG C 88 16.88 -8.28 24.41
N LEU C 89 17.84 -7.36 24.33
CA LEU C 89 17.50 -5.95 24.10
C LEU C 89 16.77 -5.76 22.78
N TRP C 90 17.29 -6.36 21.71
CA TRP C 90 16.66 -6.22 20.41
C TRP C 90 15.35 -6.97 20.35
N GLU C 91 15.25 -8.10 21.07
CA GLU C 91 13.99 -8.81 21.17
C GLU C 91 12.91 -7.94 21.81
N LEU C 92 13.26 -7.25 22.90
CA LEU C 92 12.32 -6.34 23.54
C LEU C 92 11.96 -5.17 22.62
N ILE C 93 12.95 -4.64 21.90
CA ILE C 93 12.66 -3.51 21.00
C ILE C 93 11.80 -3.96 19.83
N CYS C 94 11.92 -5.22 19.41
CA CYS C 94 11.11 -5.69 18.29
C CYS C 94 9.70 -6.05 18.73
N THR C 95 9.56 -6.60 19.94
CA THR C 95 8.23 -6.96 20.45
C THR C 95 7.69 -5.85 21.34
N ARG C 96 7.80 -4.61 20.87
CA ARG C 96 7.36 -3.46 21.63
C ARG C 96 5.87 -3.18 21.43
N HIS C 97 5.37 -3.41 20.22
CA HIS C 97 3.97 -3.15 19.88
C HIS C 97 3.25 -4.40 19.42
N TRP C 98 3.85 -5.59 19.55
CA TRP C 98 3.28 -6.81 19.01
C TRP C 98 2.18 -7.30 19.94
N THR C 99 0.99 -6.75 19.75
CA THR C 99 -0.18 -7.12 20.53
C THR C 99 -0.99 -8.17 19.79
N ASN C 100 -1.43 -9.19 20.52
CA ASN C 100 -2.22 -10.30 19.95
C ASN C 100 -1.50 -10.93 18.75
N ILE C 101 -0.43 -11.64 19.06
CA ILE C 101 0.37 -12.31 18.04
C ILE C 101 -0.33 -13.60 17.61
N GLY C 102 -0.36 -14.59 18.49
CA GLY C 102 -1.06 -15.82 18.17
C GLY C 102 -0.23 -17.08 18.37
N CYS C 103 1.04 -16.91 18.70
CA CYS C 103 1.94 -18.01 19.01
C CYS C 103 2.73 -17.65 20.26
N GLY C 104 3.59 -18.57 20.70
CA GLY C 104 4.39 -18.31 21.87
C GLY C 104 5.53 -17.35 21.58
N GLN C 105 6.02 -16.72 22.64
CA GLN C 105 7.17 -15.83 22.52
C GLN C 105 8.47 -16.61 22.56
N ASN C 106 8.41 -17.86 23.02
CA ASN C 106 9.58 -18.74 23.02
C ASN C 106 9.79 -19.40 21.67
N GLN C 107 8.73 -19.96 21.10
CA GLN C 107 8.83 -20.58 19.78
C GLN C 107 9.35 -19.57 18.76
N LEU C 108 8.64 -18.45 18.62
CA LEU C 108 9.11 -17.37 17.74
C LEU C 108 10.56 -17.00 18.03
N ARG C 109 10.95 -16.93 19.31
CA ARG C 109 12.34 -16.62 19.61
C ARG C 109 13.28 -17.67 19.05
N SER C 110 12.91 -18.95 19.19
CA SER C 110 13.73 -20.03 18.66
C SER C 110 13.89 -19.89 17.15
N VAL C 111 12.78 -19.66 16.45
CA VAL C 111 12.83 -19.54 14.99
C VAL C 111 13.70 -18.36 14.57
N VAL C 112 13.50 -17.21 15.21
CA VAL C 112 14.26 -16.01 14.81
C VAL C 112 15.75 -16.20 15.08
N LEU C 113 16.09 -16.85 16.20
CA LEU C 113 17.50 -17.13 16.47
C LEU C 113 18.06 -18.13 15.47
N ALA C 114 17.23 -19.09 15.03
CA ALA C 114 17.66 -20.03 14.00
C ALA C 114 17.96 -19.32 12.69
N LEU C 115 17.14 -18.32 12.34
CA LEU C 115 17.26 -17.69 11.02
C LEU C 115 18.33 -16.61 10.98
N GLY C 116 18.78 -16.11 12.12
CA GLY C 116 19.80 -15.09 12.16
C GLY C 116 19.84 -14.33 13.47
N GLY C 117 18.75 -13.63 13.78
CA GLY C 117 18.70 -12.87 15.02
C GLY C 117 17.68 -11.75 14.90
N PHE C 118 17.83 -10.77 15.79
CA PHE C 118 16.95 -9.62 15.83
C PHE C 118 17.59 -8.35 15.30
N ARG C 119 18.93 -8.26 15.34
CA ARG C 119 19.59 -7.06 14.81
C ARG C 119 19.42 -6.97 13.30
N ARG C 120 19.28 -8.10 12.63
CA ARG C 120 19.13 -8.10 11.18
C ARG C 120 17.66 -8.12 10.75
N LEU C 121 16.74 -8.23 11.71
CA LEU C 121 15.32 -8.25 11.40
C LEU C 121 14.66 -6.88 11.54
N HIS C 122 15.26 -5.99 12.33
CA HIS C 122 14.73 -4.65 12.53
C HIS C 122 15.51 -3.58 11.79
N SER C 123 16.66 -3.95 11.22
CA SER C 123 17.53 -3.03 10.49
C SER C 123 17.65 -3.44 9.02
N LEU C 124 16.63 -4.11 8.50
CA LEU C 124 16.63 -4.56 7.11
C LEU C 124 15.26 -4.36 6.50
N TYR C 125 14.21 -4.79 7.21
CA TYR C 125 12.86 -4.65 6.71
C TYR C 125 11.99 -3.78 7.60
N LEU C 126 12.03 -3.98 8.92
CA LEU C 126 11.22 -3.17 9.82
C LEU C 126 11.53 -1.68 9.68
N TRP C 127 12.82 -1.32 9.62
CA TRP C 127 13.18 0.09 9.50
C TRP C 127 12.60 0.76 8.27
N PRO C 128 12.94 0.38 7.03
CA PRO C 128 12.36 1.07 5.87
C PRO C 128 10.84 1.07 5.87
N LEU C 129 10.23 -0.01 6.37
CA LEU C 129 8.78 -0.10 6.42
C LEU C 129 8.18 0.85 7.45
N SER C 130 8.96 1.27 8.44
CA SER C 130 8.47 2.19 9.46
C SER C 130 9.00 3.61 9.26
N LYS C 131 9.85 3.81 8.26
CA LYS C 131 10.38 5.13 7.93
C LYS C 131 9.30 6.19 7.72
N PRO C 132 8.25 5.95 6.91
CA PRO C 132 7.22 6.98 6.72
C PRO C 132 6.45 7.31 8.00
N ASN C 133 5.83 6.31 8.62
CA ASN C 133 5.04 6.56 9.82
C ASN C 133 5.70 5.90 11.03
N PRO C 134 6.40 6.67 11.86
CA PRO C 134 7.06 6.10 13.05
C PRO C 134 6.06 5.59 14.08
N ARG C 135 5.12 6.45 14.46
CA ARG C 135 4.11 6.12 15.48
C ARG C 135 3.05 5.24 14.84
N ALA C 136 3.33 3.93 14.83
CA ALA C 136 2.42 2.94 14.27
C ALA C 136 2.73 1.59 14.91
N ARG C 137 1.73 0.97 15.52
CA ARG C 137 1.93 -0.34 16.13
C ARG C 137 2.04 -1.41 15.05
N PHE C 138 2.93 -2.38 15.28
CA PHE C 138 3.18 -3.45 14.34
C PHE C 138 2.30 -4.65 14.68
N GLY C 139 1.41 -5.03 13.77
CA GLY C 139 0.52 -6.16 13.98
C GLY C 139 1.14 -7.51 13.65
N LYS C 140 0.30 -8.42 13.17
CA LYS C 140 0.74 -9.76 12.78
C LYS C 140 1.30 -9.77 11.36
N ASP C 141 0.79 -8.88 10.50
CA ASP C 141 1.23 -8.83 9.11
C ASP C 141 2.68 -8.39 9.03
N GLU C 142 3.07 -7.45 9.88
CA GLU C 142 4.46 -7.01 9.91
C GLU C 142 5.39 -8.15 10.27
N LEU C 143 5.01 -8.96 11.26
CA LEU C 143 5.82 -10.12 11.64
C LEU C 143 5.90 -11.12 10.50
N LYS C 144 4.77 -11.41 9.85
CA LYS C 144 4.78 -12.38 8.76
C LYS C 144 5.68 -11.92 7.61
N LEU C 145 5.52 -10.67 7.18
CA LEU C 145 6.33 -10.15 6.08
C LEU C 145 7.81 -10.13 6.43
N THR C 146 8.15 -9.58 7.60
CA THR C 146 9.56 -9.44 7.94
C THR C 146 10.22 -10.80 8.08
N LEU C 147 9.51 -11.77 8.67
CA LEU C 147 10.09 -13.10 8.80
C LEU C 147 10.22 -13.79 7.46
N SER C 148 9.28 -13.56 6.53
CA SER C 148 9.42 -14.14 5.20
C SER C 148 10.65 -13.61 4.49
N LEU C 149 10.87 -12.30 4.55
CA LEU C 149 12.08 -11.73 3.95
C LEU C 149 13.34 -12.24 4.64
N LEU C 150 13.33 -12.37 5.96
CA LEU C 150 14.51 -12.86 6.66
C LEU C 150 14.83 -14.30 6.28
N SER C 151 13.81 -15.16 6.22
CA SER C 151 14.05 -16.55 5.83
C SER C 151 14.53 -16.64 4.39
N ILE C 152 13.97 -15.82 3.50
CA ILE C 152 14.43 -15.84 2.11
C ILE C 152 15.88 -15.39 2.02
N ARG C 153 16.27 -14.38 2.79
CA ARG C 153 17.67 -13.96 2.81
C ARG C 153 18.57 -15.07 3.31
N TYR C 154 18.13 -15.78 4.36
CA TYR C 154 18.93 -16.87 4.89
C TYR C 154 19.11 -17.95 3.85
N TYR C 155 18.05 -18.24 3.09
CA TYR C 155 18.16 -19.18 1.98
C TYR C 155 19.13 -18.68 0.92
N LYS C 156 19.09 -17.36 0.64
CA LYS C 156 19.99 -16.80 -0.37
C LYS C 156 21.44 -16.98 0.03
N LYS C 157 21.74 -16.84 1.32
CA LYS C 157 23.10 -16.99 1.81
C LYS C 157 23.50 -18.44 2.05
N MET C 158 22.54 -19.36 1.98
CA MET C 158 22.79 -20.75 2.29
C MET C 158 23.65 -21.39 1.21
N SER C 159 24.57 -22.27 1.64
CA SER C 159 25.47 -22.99 0.75
C SER C 159 25.06 -24.46 0.64
N PHE C 160 25.14 -24.99 -0.57
CA PHE C 160 24.78 -26.39 -0.82
C PHE C 160 25.85 -27.33 -0.28
N LYS D 22 8.40 -2.43 64.98
CA LYS D 22 9.76 -2.81 65.32
C LYS D 22 10.78 -1.88 64.68
N LYS D 23 11.86 -1.60 65.41
CA LYS D 23 12.92 -0.72 64.96
C LYS D 23 14.16 -1.55 64.67
N ILE D 24 14.80 -1.32 63.53
CA ILE D 24 16.01 -2.03 63.13
C ILE D 24 17.16 -1.03 63.09
N VAL D 25 18.31 -1.43 63.64
CA VAL D 25 19.52 -0.62 63.59
C VAL D 25 20.38 -1.08 62.43
N LEU D 26 20.67 -0.17 61.51
CA LEU D 26 21.61 -0.42 60.43
C LEU D 26 22.93 0.27 60.74
N LYS D 27 24.04 -0.44 60.53
CA LYS D 27 25.37 0.10 60.75
C LYS D 27 26.08 0.24 59.42
N SER D 28 26.48 1.47 59.09
CA SER D 28 27.25 1.74 57.89
C SER D 28 28.69 1.25 58.05
N SER D 29 29.43 1.32 56.95
CA SER D 29 30.83 0.90 56.97
C SER D 29 31.66 1.83 57.82
N ASP D 30 31.52 3.14 57.59
CA ASP D 30 32.16 4.16 58.42
C ASP D 30 31.86 3.92 59.90
N GLY D 31 30.59 3.97 60.26
CA GLY D 31 30.20 3.71 61.63
C GLY D 31 28.95 4.44 62.07
N GLU D 32 28.34 5.19 61.16
CA GLU D 32 27.06 5.82 61.47
C GLU D 32 25.96 4.78 61.62
N SER D 33 25.06 5.03 62.55
CA SER D 33 23.94 4.15 62.88
C SER D 33 22.62 4.80 62.48
N PHE D 34 21.78 4.06 61.75
CA PHE D 34 20.49 4.57 61.32
C PHE D 34 19.38 3.69 61.86
N GLU D 35 18.42 4.30 62.55
CA GLU D 35 17.21 3.64 63.01
C GLU D 35 16.17 3.60 61.89
N VAL D 36 15.69 2.41 61.54
CA VAL D 36 14.70 2.26 60.47
C VAL D 36 13.46 1.56 60.98
N GLU D 37 12.34 1.85 60.32
CA GLU D 37 11.09 1.14 60.51
C GLU D 37 11.24 -0.29 59.97
N GLU D 38 10.77 -1.27 60.73
CA GLU D 38 10.84 -2.66 60.28
C GLU D 38 10.22 -2.82 58.89
N ALA D 39 8.98 -2.36 58.72
CA ALA D 39 8.31 -2.38 57.43
C ALA D 39 9.20 -1.92 56.28
N VAL D 40 9.70 -0.69 56.38
CA VAL D 40 10.71 -0.13 55.49
C VAL D 40 11.86 -1.09 55.20
N ALA D 41 12.30 -1.82 56.23
CA ALA D 41 13.38 -2.79 56.02
C ALA D 41 12.92 -3.97 55.18
N LEU D 42 11.67 -4.40 55.36
CA LEU D 42 11.17 -5.52 54.56
C LEU D 42 10.96 -5.17 53.10
N GLU D 43 11.00 -3.87 52.75
CA GLU D 43 11.02 -3.50 51.33
C GLU D 43 12.24 -4.06 50.63
N SER D 44 13.33 -4.26 51.36
CA SER D 44 14.52 -4.93 50.83
C SER D 44 14.37 -6.43 51.07
N GLN D 45 14.14 -7.18 50.00
CA GLN D 45 13.95 -8.62 50.12
C GLN D 45 15.20 -9.31 50.66
N THR D 46 16.39 -8.78 50.35
CA THR D 46 17.61 -9.35 50.89
C THR D 46 17.66 -9.20 52.41
N ILE D 47 17.32 -8.01 52.92
CA ILE D 47 17.32 -7.80 54.37
C ILE D 47 16.23 -8.65 55.01
N ALA D 48 15.06 -8.74 54.38
CA ALA D 48 14.00 -9.60 54.89
C ALA D 48 14.46 -11.06 54.95
N HIS D 49 15.14 -11.52 53.90
CA HIS D 49 15.62 -12.89 53.85
C HIS D 49 16.64 -13.15 54.94
N MET D 50 17.56 -12.22 55.16
CA MET D 50 18.50 -12.41 56.26
C MET D 50 17.80 -12.36 57.61
N VAL D 51 16.71 -11.59 57.72
CA VAL D 51 15.98 -11.51 58.98
C VAL D 51 15.25 -12.82 59.28
N GLU D 52 14.62 -13.44 58.28
CA GLU D 52 13.99 -14.75 58.52
C GLU D 52 15.03 -15.79 58.90
N ASP D 53 16.24 -15.69 58.36
CA ASP D 53 17.33 -16.60 58.68
C ASP D 53 17.98 -16.26 60.03
N ASP D 54 17.43 -15.29 60.76
CA ASP D 54 17.91 -14.88 62.07
C ASP D 54 19.29 -14.24 61.95
N CYS D 55 20.10 -14.37 63.02
CA CYS D 55 21.45 -13.82 63.07
C CYS D 55 21.49 -12.33 62.68
N VAL D 56 20.34 -11.67 62.66
CA VAL D 56 20.23 -10.26 62.31
C VAL D 56 19.61 -9.43 63.43
N ASP D 57 19.22 -10.05 64.54
CA ASP D 57 18.62 -9.28 65.63
C ASP D 57 19.66 -8.45 66.37
N ASN D 58 20.91 -8.90 66.37
CA ASN D 58 21.98 -8.17 67.03
C ASN D 58 22.44 -6.94 66.25
N GLY D 59 22.24 -6.93 64.95
CA GLY D 59 22.64 -5.82 64.09
C GLY D 59 22.95 -6.34 62.71
N VAL D 60 22.68 -5.50 61.72
CA VAL D 60 22.91 -5.83 60.31
C VAL D 60 23.96 -4.88 59.75
N PRO D 61 25.23 -5.30 59.74
CA PRO D 61 26.29 -4.44 59.20
C PRO D 61 26.34 -4.50 57.69
N LEU D 62 27.03 -3.51 57.11
CA LEU D 62 27.17 -3.42 55.65
C LEU D 62 28.64 -3.22 55.32
N PRO D 63 29.26 -4.13 54.58
CA PRO D 63 30.69 -4.02 54.24
C PRO D 63 31.05 -2.87 53.30
N ASN D 64 30.34 -2.72 52.18
CA ASN D 64 30.61 -1.67 51.20
C ASN D 64 29.36 -0.81 50.98
N VAL D 65 29.16 0.17 51.87
CA VAL D 65 28.00 1.06 51.78
C VAL D 65 28.31 2.33 52.57
N THR D 66 28.30 3.48 51.89
CA THR D 66 28.58 4.75 52.54
C THR D 66 27.36 5.23 53.31
N SER D 67 27.62 5.90 54.45
CA SER D 67 26.55 6.42 55.28
C SER D 67 25.66 7.42 54.56
N LYS D 68 26.23 8.30 53.74
CA LYS D 68 25.41 9.29 53.05
C LYS D 68 24.50 8.65 52.00
N ILE D 69 24.99 7.66 51.29
CA ILE D 69 24.16 7.02 50.26
C ILE D 69 23.11 6.14 50.92
N LEU D 70 23.50 5.45 52.00
CA LEU D 70 22.52 4.67 52.76
C LEU D 70 21.43 5.58 53.31
N ALA D 71 21.79 6.77 53.78
CA ALA D 71 20.79 7.72 54.23
C ALA D 71 19.86 8.15 53.11
N LYS D 72 20.40 8.44 51.93
CA LYS D 72 19.51 8.86 50.84
C LYS D 72 18.55 7.74 50.42
N VAL D 73 19.05 6.51 50.30
CA VAL D 73 18.17 5.39 49.97
C VAL D 73 17.12 5.19 51.06
N ILE D 74 17.53 5.31 52.33
CA ILE D 74 16.55 5.11 53.40
C ILE D 74 15.44 6.16 53.33
N GLU D 75 15.78 7.42 53.03
CA GLU D 75 14.71 8.41 52.87
C GLU D 75 13.77 8.02 51.75
N TYR D 76 14.34 7.56 50.62
CA TYR D 76 13.49 7.13 49.51
C TYR D 76 12.53 6.03 49.91
N CYS D 77 13.04 4.94 50.50
CA CYS D 77 12.15 3.84 50.85
C CYS D 77 11.14 4.30 51.91
N LYS D 78 11.59 5.11 52.86
CA LYS D 78 10.71 5.63 53.91
C LYS D 78 9.51 6.32 53.28
N ARG D 79 9.77 7.38 52.53
CA ARG D 79 8.70 8.13 51.88
C ARG D 79 7.77 7.20 51.08
N HIS D 80 8.36 6.33 50.26
CA HIS D 80 7.54 5.41 49.46
C HIS D 80 6.61 4.58 50.33
N VAL D 81 7.17 3.88 51.31
CA VAL D 81 6.38 3.03 52.21
C VAL D 81 5.26 3.85 52.87
N GLU D 82 5.61 5.01 53.41
CA GLU D 82 4.61 5.86 54.05
C GLU D 82 3.46 6.18 53.10
N ALA D 83 3.79 6.66 51.90
CA ALA D 83 2.76 6.97 50.91
C ALA D 83 1.88 5.76 50.63
N ALA D 84 2.49 4.61 50.37
CA ALA D 84 1.73 3.39 50.09
C ALA D 84 0.75 3.06 51.20
N ALA D 85 1.22 3.04 52.45
CA ALA D 85 0.35 2.75 53.59
C ALA D 85 -0.85 3.69 53.64
N SER D 86 -0.60 4.99 53.51
CA SER D 86 -1.68 5.98 53.55
C SER D 86 -2.72 5.69 52.48
N LYS D 87 -2.29 5.44 51.24
CA LYS D 87 -3.23 5.16 50.16
C LYS D 87 -4.08 3.94 50.45
N ALA D 88 -3.47 2.87 50.97
CA ALA D 88 -4.23 1.66 51.29
C ALA D 88 -5.27 1.93 52.36
N GLU D 89 -4.92 2.72 53.38
CA GLU D 89 -5.83 3.05 54.46
C GLU D 89 -7.09 3.74 53.94
N SER D 97 -2.46 10.73 44.45
CA SER D 97 -1.37 10.12 45.21
C SER D 97 -0.17 9.84 44.31
N ASP D 98 -0.44 9.45 43.06
CA ASP D 98 0.64 9.18 42.12
C ASP D 98 1.32 10.47 41.68
N ASP D 99 0.57 11.57 41.55
CA ASP D 99 1.18 12.84 41.15
C ASP D 99 2.18 13.31 42.20
N ASP D 100 1.81 13.24 43.48
CA ASP D 100 2.72 13.66 44.54
C ASP D 100 3.99 12.82 44.51
N LEU D 101 3.82 11.50 44.34
CA LEU D 101 4.97 10.60 44.26
C LEU D 101 5.89 11.00 43.12
N LYS D 102 5.33 11.24 41.93
CA LYS D 102 6.12 11.63 40.78
C LYS D 102 6.88 12.91 41.08
N ALA D 103 6.20 13.90 41.66
CA ALA D 103 6.86 15.16 42.01
C ALA D 103 8.04 14.92 42.93
N TRP D 104 7.83 14.12 43.98
CA TRP D 104 8.91 13.82 44.92
C TRP D 104 10.09 13.15 44.22
N ASP D 105 9.81 12.21 43.33
CA ASP D 105 10.88 11.53 42.60
C ASP D 105 11.66 12.53 41.75
N ALA D 106 10.95 13.44 41.10
CA ALA D 106 11.63 14.42 40.26
C ALA D 106 12.47 15.37 41.11
N ASP D 107 12.01 15.65 42.33
CA ASP D 107 12.74 16.55 43.23
C ASP D 107 13.93 15.86 43.89
N PHE D 108 13.92 14.52 43.95
CA PHE D 108 15.02 13.77 44.56
C PHE D 108 16.12 13.42 43.56
N MET D 109 15.92 13.73 42.27
CA MET D 109 16.90 13.45 41.23
C MET D 109 17.70 14.69 40.84
N LYS D 110 17.70 15.71 41.70
CA LYS D 110 18.41 16.97 41.43
C LYS D 110 19.81 16.96 42.05
N ILE D 111 20.62 15.99 41.61
CA ILE D 111 21.98 15.87 42.11
C ILE D 111 22.95 15.99 40.94
N ASP D 112 24.18 15.52 41.10
CA ASP D 112 25.18 15.59 40.05
C ASP D 112 25.40 14.19 39.44
N GLN D 113 26.60 13.94 38.93
CA GLN D 113 26.94 12.65 38.31
C GLN D 113 27.40 11.60 39.30
N ALA D 114 28.56 11.83 39.94
CA ALA D 114 29.14 10.85 40.86
C ALA D 114 28.22 10.42 41.99
N THR D 115 27.23 11.23 42.36
CA THR D 115 26.34 10.80 43.43
C THR D 115 25.36 9.77 42.91
N LEU D 116 24.86 9.99 41.69
CA LEU D 116 24.01 9.01 41.04
C LEU D 116 24.77 7.69 40.90
N PHE D 117 26.06 7.77 40.58
CA PHE D 117 26.89 6.58 40.47
C PHE D 117 26.98 5.82 41.80
N GLU D 118 27.27 6.53 42.90
CA GLU D 118 27.31 5.83 44.18
C GLU D 118 25.95 5.23 44.51
N LEU D 119 24.89 5.93 44.14
CA LEU D 119 23.54 5.43 44.39
C LEU D 119 23.24 4.17 43.58
N ILE D 120 23.68 4.09 42.32
CA ILE D 120 23.41 2.87 41.56
C ILE D 120 24.16 1.69 42.17
N LEU D 121 25.44 1.88 42.54
CA LEU D 121 26.12 0.77 43.21
C LEU D 121 25.42 0.36 44.50
N ALA D 122 24.99 1.34 45.30
CA ALA D 122 24.29 0.99 46.54
C ALA D 122 22.99 0.25 46.25
N ALA D 123 22.23 0.72 45.28
CA ALA D 123 20.97 0.07 44.94
C ALA D 123 21.21 -1.36 44.48
N ASN D 124 22.29 -1.59 43.75
CA ASN D 124 22.61 -2.95 43.34
C ASN D 124 23.01 -3.81 44.55
N TYR D 125 23.89 -3.29 45.41
CA TYR D 125 24.32 -4.06 46.56
C TYR D 125 23.19 -4.39 47.54
N LEU D 126 22.13 -3.57 47.58
CA LEU D 126 21.02 -3.86 48.49
C LEU D 126 19.81 -4.45 47.79
N ASN D 127 19.73 -4.39 46.46
CA ASN D 127 18.56 -4.90 45.74
C ASN D 127 17.28 -4.20 46.16
N ILE D 128 17.05 -3.01 45.66
CA ILE D 128 15.79 -2.28 45.84
C ILE D 128 15.34 -1.90 44.43
N LYS D 129 14.46 -2.74 43.85
CA LYS D 129 14.14 -2.68 42.43
C LYS D 129 13.58 -1.33 42.00
N ASN D 130 12.68 -0.73 42.77
CA ASN D 130 12.05 0.52 42.34
C ASN D 130 13.07 1.65 42.19
N LEU D 131 14.01 1.72 43.13
CA LEU D 131 15.03 2.76 43.06
C LEU D 131 15.97 2.49 41.89
N LEU D 132 16.25 1.20 41.63
CA LEU D 132 17.05 0.84 40.48
C LEU D 132 16.39 1.26 39.17
N ASP D 133 15.08 1.04 39.03
CA ASP D 133 14.40 1.49 37.82
C ASP D 133 14.45 3.00 37.69
N LEU D 134 14.21 3.73 38.77
CA LEU D 134 14.28 5.19 38.66
C LEU D 134 15.66 5.66 38.24
N THR D 135 16.71 5.13 38.87
CA THR D 135 18.06 5.59 38.52
C THR D 135 18.46 5.17 37.11
N CYS D 136 18.10 3.97 36.69
CA CYS D 136 18.40 3.56 35.32
C CYS D 136 17.62 4.39 34.32
N GLN D 137 16.36 4.74 34.62
CA GLN D 137 15.61 5.63 33.75
C GLN D 137 16.23 7.01 33.66
N THR D 138 16.71 7.57 34.78
CA THR D 138 17.34 8.88 34.69
C THR D 138 18.60 8.84 33.83
N VAL D 139 19.44 7.81 34.01
CA VAL D 139 20.65 7.72 33.18
C VAL D 139 20.27 7.54 31.71
N ALA D 140 19.25 6.72 31.44
CA ALA D 140 18.81 6.53 30.07
C ALA D 140 18.33 7.85 29.47
N ASP D 141 17.58 8.64 30.25
CA ASP D 141 17.08 9.92 29.75
C ASP D 141 18.20 10.90 29.46
N MET D 142 19.25 10.94 30.28
CA MET D 142 20.31 11.89 29.95
C MET D 142 21.09 11.46 28.70
N ILE D 143 21.19 10.16 28.43
CA ILE D 143 21.93 9.73 27.24
C ILE D 143 20.98 9.52 26.06
N LYS D 144 19.82 10.16 26.13
CA LYS D 144 18.85 10.08 25.05
C LYS D 144 19.19 11.11 23.98
N GLY D 145 19.04 10.73 22.72
CA GLY D 145 19.35 11.65 21.64
C GLY D 145 20.79 12.12 21.65
N LYS D 146 21.72 11.18 21.81
CA LYS D 146 23.14 11.46 21.84
C LYS D 146 23.84 10.63 20.78
N THR D 147 25.00 11.10 20.34
CA THR D 147 25.78 10.43 19.31
C THR D 147 27.07 9.84 19.88
N PRO D 148 27.94 9.23 19.07
CA PRO D 148 29.19 8.69 19.63
C PRO D 148 30.12 9.75 20.15
N GLU D 149 30.09 10.96 19.59
CA GLU D 149 30.95 12.05 20.02
C GLU D 149 30.38 12.83 21.19
N GLU D 150 29.17 12.52 21.63
CA GLU D 150 28.53 13.20 22.75
C GLU D 150 28.65 12.40 24.04
N ILE D 151 28.23 11.13 24.02
CA ILE D 151 28.30 10.27 25.21
C ILE D 151 29.72 10.23 25.75
N ARG D 152 30.70 10.07 24.84
CA ARG D 152 32.10 10.11 25.24
C ARG D 152 32.45 11.39 25.98
N THR D 153 31.97 12.53 25.50
CA THR D 153 32.25 13.78 26.20
C THR D 153 31.58 13.81 27.58
N THR D 154 30.37 13.27 27.69
CA THR D 154 29.67 13.29 28.96
C THR D 154 30.37 12.40 30.00
N PHE D 155 30.93 11.27 29.58
CA PHE D 155 31.50 10.33 30.55
C PHE D 155 33.02 10.32 30.55
N ASN D 156 33.65 11.07 29.65
CA ASN D 156 35.11 11.15 29.50
C ASN D 156 35.78 9.78 29.36
N ILE D 157 35.29 8.98 28.44
CA ILE D 157 35.73 7.59 28.34
C ILE D 157 36.66 7.45 27.14
N LYS D 158 37.28 6.28 27.01
CA LYS D 158 38.24 6.00 25.95
C LYS D 158 37.61 5.08 24.90
N ASN D 159 37.54 5.58 23.66
CA ASN D 159 37.28 4.74 22.49
C ASN D 159 38.52 3.90 22.16
N ASP D 160 38.39 2.58 22.30
CA ASP D 160 39.49 1.66 22.09
C ASP D 160 39.32 0.80 20.82
N PHE D 161 38.57 1.28 19.84
CA PHE D 161 38.42 0.51 18.60
C PHE D 161 39.46 0.90 17.56
N THR D 162 39.83 -0.08 16.75
CA THR D 162 40.76 0.13 15.66
C THR D 162 39.99 0.72 14.49
N PRO D 163 40.66 1.40 13.56
CA PRO D 163 39.92 1.99 12.42
C PRO D 163 39.06 1.00 11.66
N GLU D 164 39.53 -0.24 11.47
CA GLU D 164 38.75 -1.22 10.73
C GLU D 164 37.52 -1.64 11.50
N GLU D 165 37.69 -1.93 12.79
CA GLU D 165 36.55 -2.29 13.62
C GLU D 165 35.56 -1.14 13.72
N GLU D 166 36.06 0.10 13.86
CA GLU D 166 35.17 1.25 13.97
C GLU D 166 34.34 1.44 12.70
N GLU D 167 34.97 1.28 11.52
CA GLU D 167 34.18 1.40 10.29
C GLU D 167 33.20 0.24 10.17
N GLU D 168 33.57 -0.95 10.61
CA GLU D 168 32.64 -2.07 10.50
C GLU D 168 31.41 -1.86 11.38
N VAL D 169 31.61 -1.45 12.64
CA VAL D 169 30.45 -1.21 13.51
C VAL D 169 29.62 -0.04 12.99
N ARG D 170 30.28 1.01 12.48
CA ARG D 170 29.54 2.13 11.89
C ARG D 170 28.72 1.68 10.70
N ARG D 171 29.28 0.82 9.85
CA ARG D 171 28.55 0.33 8.68
C ARG D 171 27.37 -0.53 9.09
N GLU D 172 27.53 -1.35 10.13
CA GLU D 172 26.42 -2.15 10.62
C GLU D 172 25.27 -1.27 11.10
N ASN D 173 25.58 -0.10 11.67
CA ASN D 173 24.57 0.79 12.22
C ASN D 173 24.29 2.00 11.33
N GLN D 174 24.74 1.98 10.06
CA GLN D 174 24.61 3.16 9.22
C GLN D 174 23.16 3.60 9.07
N TRP D 175 22.22 2.64 9.13
CA TRP D 175 20.80 2.95 9.06
C TRP D 175 20.35 3.91 10.16
N ALA D 176 21.05 3.91 11.29
CA ALA D 176 20.70 4.79 12.40
C ALA D 176 21.17 6.23 12.17
N PHE D 177 22.13 6.44 11.27
CA PHE D 177 22.67 7.76 11.01
C PHE D 177 21.89 8.54 9.96
N GLU D 178 20.97 7.89 9.24
CA GLU D 178 20.14 8.59 8.27
C GLU D 178 18.91 9.18 8.96
#